data_3O3O
#
_entry.id   3O3O
#
_cell.length_a   65.309
_cell.length_b   85.584
_cell.length_c   149.508
_cell.angle_alpha   90.00
_cell.angle_beta   90.00
_cell.angle_gamma   90.00
#
_symmetry.space_group_name_H-M   'P 21 21 21'
#
loop_
_entity.id
_entity.type
_entity.pdbx_description
1 polymer 'alpha-subunit 2-hydroxyisocaproyl-CoA dehydratase'
2 polymer 'beta-subunit 2-hydroxyacyl-CoA dehydratase'
3 non-polymer 'IRON/SULFUR CLUSTER'
4 non-polymer '(2R)-2-hydroxy-4-methylpentanoic acid'
5 non-polymer 'HYDROSULFURIC ACID'
6 water water
#
loop_
_entity_poly.entity_id
_entity_poly.type
_entity_poly.pdbx_seq_one_letter_code
_entity_poly.pdbx_strand_id
1 'polypeptide(L)'
;MSEKKEARVVINDLLAEQYANAFKAKEEGRPVGWSTSVFPQELAEVFDLNVLYPENQAAGVAAKKGSLELCEIAESKGYS
IDLCAYARTNFGLLENGGCEALDMPAPDFLLCCNNICNQVIKWYENISRELDIPLIMIDTTFNNEDEVTQSRIDYIKAQF
EEAIKQLEIISGKKFDPKKFEEVMKISAENGRLWKYSMSLPADSSPSPMNGFDLFTYMAVIVCARGKKETTEAFKLLIEE
LEDNMKTGKSSFRGEEKYRIMMEGIPCWPYIGYKMKTLAKFGVNMTGSVYPHAWALQYEVNDLDGMAVAYSTMFNNVNLD
RMTKYRVDSLVEGKCDGAFYHMNRSCKLMSLIQYEMQRRAAEETGLPYAGFDGDQADPRAFTNAQFETRIQGLVEVMEER
KKLNRGEI
;
A
2 'polypeptide(L)'
;MEAILSKMKEVVENPNAAVKKYKSETGKKAIGCFPVYCPEEIIHAAGMLPVGIWGGQTELDLAKQYFPAFACSIMQSCLE
YGLKGAYDELSGVIIPGMCDTLICLGQNWKSAVPHIKYISLVHPQNRKLEAGVKYLISEYKGVKRELEEICGYEIEEAKI
HESIEVYNEHRKTMRDFVEVAYKHSNTIKPSIRSLVIKSGFFMRKEEHTELVKDLIAKLNAMPEEVCSGKKVLLTGILAD
SKDILDILEDNNISVVADDLAQETRQFRTDVPAGDDALERLARQWSNIEGCSLAYDPKKKRGSLIVDEVKKKDIDGVIFC
MMKFCDPEEYDYPLVRKDIEDSGIPTLYVEIDQQTQNNEQARTRIQTFAEMMSLASAWSHPQFEK
;
B
#
# COMPACT_ATOMS: atom_id res chain seq x y z
N GLU A 6 -29.25 9.88 -26.40
CA GLU A 6 -30.22 10.19 -25.35
C GLU A 6 -29.68 9.86 -23.97
N ALA A 7 -29.57 8.57 -23.68
CA ALA A 7 -29.02 8.12 -22.41
C ALA A 7 -27.66 8.75 -22.16
N ARG A 8 -26.87 8.86 -23.22
CA ARG A 8 -25.56 9.51 -23.17
C ARG A 8 -25.67 10.89 -22.52
N VAL A 9 -26.60 11.71 -23.02
CA VAL A 9 -26.78 13.06 -22.53
C VAL A 9 -27.38 13.06 -21.12
N VAL A 10 -28.27 12.11 -20.85
CA VAL A 10 -28.91 12.00 -19.55
C VAL A 10 -27.88 11.77 -18.45
N ILE A 11 -26.99 10.80 -18.70
CA ILE A 11 -25.95 10.46 -17.75
C ILE A 11 -24.94 11.59 -17.52
N ASN A 12 -24.54 12.26 -18.60
CA ASN A 12 -23.63 13.40 -18.49
C ASN A 12 -24.22 14.58 -17.72
N ASP A 13 -25.51 14.86 -17.93
CA ASP A 13 -26.20 15.94 -17.23
CA ASP A 13 -26.18 15.95 -17.23
C ASP A 13 -26.35 15.64 -15.74
N LEU A 14 -26.49 14.36 -15.42
CA LEU A 14 -26.66 13.93 -14.04
C LEU A 14 -25.36 14.07 -13.24
N LEU A 15 -24.22 13.89 -13.92
CA LEU A 15 -22.91 14.07 -13.29
C LEU A 15 -22.63 15.52 -12.95
N ALA A 16 -22.83 16.40 -13.94
CA ALA A 16 -22.59 17.83 -13.76
C ALA A 16 -23.49 18.40 -12.68
N GLU A 17 -24.62 17.73 -12.46
CA GLU A 17 -25.57 18.16 -11.44
C GLU A 17 -25.01 17.95 -10.03
N GLN A 18 -24.26 16.87 -9.85
CA GLN A 18 -23.66 16.57 -8.56
C GLN A 18 -22.66 17.65 -8.16
N TYR A 19 -21.84 18.08 -9.12
CA TYR A 19 -20.89 19.16 -8.89
C TYR A 19 -21.60 20.49 -8.55
N ALA A 20 -22.61 20.84 -9.34
CA ALA A 20 -23.35 22.07 -9.12
C ALA A 20 -24.05 22.07 -7.75
N ASN A 21 -24.57 20.92 -7.36
CA ASN A 21 -25.23 20.81 -6.06
C ASN A 21 -24.25 21.04 -4.89
N ALA A 22 -23.02 20.56 -5.04
CA ALA A 22 -22.00 20.69 -3.99
C ALA A 22 -21.55 22.14 -3.77
N PHE A 23 -21.26 22.84 -4.86
CA PHE A 23 -20.92 24.27 -4.77
C PHE A 23 -22.00 25.07 -4.04
N LYS A 24 -23.26 24.78 -4.35
CA LYS A 24 -24.37 25.49 -3.74
C LYS A 24 -24.44 25.17 -2.25
N ALA A 25 -24.11 23.93 -1.91
CA ALA A 25 -24.09 23.49 -0.52
C ALA A 25 -23.01 24.22 0.26
N LYS A 26 -21.87 24.45 -0.39
CA LYS A 26 -20.72 25.08 0.26
C LYS A 26 -20.93 26.56 0.50
N GLU A 27 -21.51 27.26 -0.46
CA GLU A 27 -21.70 28.70 -0.32
C GLU A 27 -22.69 29.02 0.81
N GLU A 28 -23.67 28.15 1.00
CA GLU A 28 -24.47 28.18 2.21
C GLU A 28 -23.61 27.65 3.35
N GLY A 29 -24.23 27.04 4.35
CA GLY A 29 -23.48 26.52 5.48
C GLY A 29 -23.32 25.01 5.51
N ARG A 30 -23.58 24.35 4.38
CA ARG A 30 -23.62 22.88 4.34
C ARG A 30 -22.23 22.27 4.13
N PRO A 31 -21.91 21.23 4.92
CA PRO A 31 -20.62 20.53 4.83
C PRO A 31 -20.52 19.58 3.63
N VAL A 32 -19.35 19.54 3.01
CA VAL A 32 -19.10 18.71 1.84
C VAL A 32 -17.96 17.74 2.10
N GLY A 33 -18.05 16.52 1.57
CA GLY A 33 -17.02 15.50 1.78
C GLY A 33 -16.32 15.01 0.52
N TRP A 34 -15.09 14.49 0.71
CA TRP A 34 -14.33 13.82 -0.34
C TRP A 34 -14.16 12.32 0.03
N SER A 35 -14.34 11.43 -0.95
CA SER A 35 -14.47 9.98 -0.67
C SER A 35 -13.77 9.07 -1.71
N THR A 36 -13.27 7.92 -1.25
CA THR A 36 -12.69 6.92 -2.15
C THR A 36 -13.77 6.16 -2.91
N SER A 37 -13.41 5.58 -4.05
CA SER A 37 -14.38 5.11 -5.05
C SER A 37 -15.18 3.85 -4.71
N VAL A 38 -14.79 3.14 -3.65
CA VAL A 38 -15.58 1.98 -3.21
C VAL A 38 -15.85 2.02 -1.70
N PHE A 39 -16.09 3.23 -1.18
CA PHE A 39 -16.46 3.42 0.22
C PHE A 39 -17.94 3.06 0.43
N PRO A 40 -18.32 2.67 1.67
CA PRO A 40 -19.72 2.39 2.01
C PRO A 40 -20.62 3.63 1.96
N GLN A 41 -20.95 4.08 0.75
CA GLN A 41 -21.72 5.30 0.53
C GLN A 41 -23.05 5.36 1.29
N GLU A 42 -23.63 4.19 1.57
CA GLU A 42 -24.92 4.12 2.26
C GLU A 42 -24.92 4.91 3.59
N LEU A 43 -23.75 4.95 4.24
CA LEU A 43 -23.63 5.60 5.54
C LEU A 43 -23.78 7.13 5.51
N ALA A 44 -23.44 7.75 4.38
CA ALA A 44 -23.56 9.20 4.24
C ALA A 44 -24.88 9.64 3.62
N GLU A 45 -25.41 8.81 2.73
CA GLU A 45 -26.68 9.11 2.05
C GLU A 45 -27.84 9.13 3.04
N VAL A 46 -27.67 8.44 4.17
CA VAL A 46 -28.72 8.42 5.18
C VAL A 46 -28.88 9.80 5.81
N PHE A 47 -27.81 10.59 5.81
CA PHE A 47 -27.84 11.95 6.35
C PHE A 47 -28.06 13.00 5.26
N ASP A 48 -28.32 12.56 4.04
CA ASP A 48 -28.46 13.46 2.89
C ASP A 48 -27.26 14.38 2.71
N LEU A 49 -26.06 13.84 2.90
CA LEU A 49 -24.83 14.62 2.77
C LEU A 49 -24.35 14.74 1.32
N ASN A 50 -23.80 15.91 0.97
CA ASN A 50 -23.13 16.09 -0.31
C ASN A 50 -21.74 15.42 -0.28
N VAL A 51 -21.45 14.56 -1.27
CA VAL A 51 -20.18 13.82 -1.31
C VAL A 51 -19.56 13.78 -2.72
N LEU A 52 -18.27 14.14 -2.82
CA LEU A 52 -17.55 14.15 -4.10
C LEU A 52 -16.37 13.17 -4.14
N TYR A 53 -15.85 12.90 -5.33
CA TYR A 53 -14.86 11.82 -5.52
C TYR A 53 -13.58 12.23 -6.30
N PRO A 54 -12.47 12.46 -5.57
CA PRO A 54 -11.18 12.86 -6.17
C PRO A 54 -10.72 11.99 -7.36
N GLU A 55 -10.96 10.69 -7.30
CA GLU A 55 -10.66 9.81 -8.42
C GLU A 55 -11.41 10.18 -9.70
N ASN A 56 -12.68 10.55 -9.57
CA ASN A 56 -13.46 10.98 -10.73
C ASN A 56 -12.95 12.31 -11.30
N GLN A 57 -12.70 13.28 -10.43
CA GLN A 57 -12.20 14.58 -10.85
C GLN A 57 -10.90 14.49 -11.64
N ALA A 58 -9.95 13.70 -11.13
CA ALA A 58 -8.63 13.58 -11.76
C ALA A 58 -8.69 12.95 -13.16
N ALA A 59 -9.51 11.93 -13.32
CA ALA A 59 -9.72 11.32 -14.64
C ALA A 59 -10.38 12.33 -15.59
N GLY A 60 -11.31 13.12 -15.07
CA GLY A 60 -11.99 14.12 -15.87
C GLY A 60 -11.09 15.23 -16.38
N VAL A 61 -10.23 15.77 -15.51
CA VAL A 61 -9.34 16.84 -15.91
C VAL A 61 -8.25 16.29 -16.83
N ALA A 62 -7.90 15.02 -16.62
CA ALA A 62 -6.88 14.34 -17.41
C ALA A 62 -7.31 14.20 -18.87
N ALA A 63 -8.58 13.86 -19.08
CA ALA A 63 -9.11 13.69 -20.43
C ALA A 63 -9.13 15.00 -21.21
N LYS A 64 -9.21 16.12 -20.49
CA LYS A 64 -9.16 17.46 -21.10
C LYS A 64 -7.75 18.03 -21.20
N LYS A 65 -6.76 17.19 -20.94
CA LYS A 65 -5.34 17.55 -21.07
C LYS A 65 -4.91 18.65 -20.11
N GLY A 66 -5.43 18.63 -18.89
CA GLY A 66 -5.06 19.59 -17.87
C GLY A 66 -4.42 18.99 -16.61
N SER A 67 -4.13 17.69 -16.63
CA SER A 67 -3.60 17.02 -15.44
C SER A 67 -2.09 17.19 -15.23
N LEU A 68 -1.33 17.32 -16.31
CA LEU A 68 0.13 17.44 -16.19
C LEU A 68 0.54 18.66 -15.37
N GLU A 69 -0.23 19.73 -15.47
CA GLU A 69 0.08 20.98 -14.79
C GLU A 69 -0.05 20.86 -13.27
N LEU A 70 -1.09 20.17 -12.83
CA LEU A 70 -1.31 19.91 -11.40
C LEU A 70 -0.25 18.97 -10.83
N CYS A 71 0.07 17.91 -11.55
CA CYS A 71 1.10 16.96 -11.10
C CYS A 71 2.41 17.69 -10.85
N GLU A 72 2.77 18.60 -11.75
CA GLU A 72 4.03 19.33 -11.64
C GLU A 72 4.06 20.31 -10.45
N ILE A 73 2.90 20.80 -10.05
CA ILE A 73 2.79 21.61 -8.84
C ILE A 73 3.06 20.79 -7.57
N ALA A 74 2.57 19.55 -7.54
CA ALA A 74 2.76 18.69 -6.39
C ALA A 74 4.21 18.20 -6.30
N GLU A 75 4.82 17.99 -7.46
CA GLU A 75 6.20 17.55 -7.55
C GLU A 75 7.16 18.67 -7.08
N SER A 76 6.83 19.92 -7.38
CA SER A 76 7.65 21.04 -6.92
C SER A 76 7.52 21.26 -5.40
N LYS A 77 6.46 20.73 -4.80
CA LYS A 77 6.27 20.78 -3.34
C LYS A 77 7.03 19.66 -2.63
N GLY A 78 7.51 18.69 -3.39
CA GLY A 78 8.32 17.61 -2.84
C GLY A 78 7.77 16.20 -2.96
N TYR A 79 6.63 16.04 -3.62
CA TYR A 79 6.03 14.72 -3.81
C TYR A 79 6.64 14.00 -5.01
N SER A 80 7.12 12.78 -4.78
CA SER A 80 7.83 12.00 -5.79
C SER A 80 6.93 11.53 -6.93
N ILE A 81 7.46 11.54 -8.14
CA ILE A 81 6.73 11.05 -9.31
C ILE A 81 6.36 9.56 -9.23
N ASP A 82 7.01 8.81 -8.35
CA ASP A 82 6.68 7.39 -8.12
C ASP A 82 5.27 7.18 -7.57
N LEU A 83 4.69 8.22 -6.95
CA LEU A 83 3.36 8.09 -6.33
C LEU A 83 2.22 8.04 -7.35
N CYS A 84 1.06 7.53 -6.95
CA CYS A 84 -0.12 7.43 -7.85
C CYS A 84 -0.52 8.76 -8.45
N ALA A 85 -0.79 8.77 -9.75
CA ALA A 85 -1.10 9.99 -10.49
C ALA A 85 -2.38 10.68 -10.03
N TYR A 86 -3.33 9.91 -9.52
CA TYR A 86 -4.57 10.48 -8.99
C TYR A 86 -4.23 11.31 -7.74
N ALA A 87 -3.32 10.78 -6.93
CA ALA A 87 -2.83 11.45 -5.73
C ALA A 87 -2.11 12.76 -6.01
N ARG A 88 -1.21 12.75 -7.00
CA ARG A 88 -0.46 13.97 -7.34
C ARG A 88 -1.37 15.04 -7.94
N THR A 89 -2.24 14.63 -8.87
CA THR A 89 -3.22 15.56 -9.46
C THR A 89 -4.00 16.25 -8.35
N ASN A 90 -4.40 15.48 -7.34
CA ASN A 90 -5.21 16.01 -6.25
C ASN A 90 -4.41 16.97 -5.36
N PHE A 91 -3.17 16.62 -5.07
CA PHE A 91 -2.31 17.50 -4.28
C PHE A 91 -2.12 18.86 -4.95
N GLY A 92 -1.96 18.86 -6.26
CA GLY A 92 -1.83 20.10 -7.02
C GLY A 92 -3.10 20.96 -7.00
N LEU A 93 -4.25 20.29 -7.10
CA LEU A 93 -5.54 20.97 -7.06
C LEU A 93 -5.71 21.76 -5.76
N LEU A 94 -5.36 21.15 -4.63
CA LEU A 94 -5.47 21.81 -3.34
C LEU A 94 -4.52 23.01 -3.26
N GLU A 95 -3.28 22.80 -3.70
CA GLU A 95 -2.28 23.84 -3.61
C GLU A 95 -2.64 25.03 -4.51
N ASN A 96 -3.16 24.71 -5.70
CA ASN A 96 -3.51 25.74 -6.69
C ASN A 96 -4.79 26.49 -6.35
N GLY A 97 -5.55 25.94 -5.40
CA GLY A 97 -6.82 26.55 -5.01
C GLY A 97 -7.94 26.23 -5.99
N GLY A 98 -7.77 25.17 -6.77
CA GLY A 98 -8.77 24.75 -7.73
C GLY A 98 -8.23 24.63 -9.13
N CYS A 99 -9.10 24.39 -10.10
CA CYS A 99 -8.74 24.44 -11.51
C CYS A 99 -9.94 24.84 -12.36
N GLU A 100 -9.72 25.05 -13.66
CA GLU A 100 -10.78 25.61 -14.50
C GLU A 100 -11.42 24.61 -15.48
N ALA A 101 -10.72 23.53 -15.82
CA ALA A 101 -11.27 22.55 -16.74
C ALA A 101 -12.34 21.68 -16.06
N LEU A 102 -12.22 21.54 -14.74
CA LEU A 102 -13.20 20.84 -13.93
C LEU A 102 -12.97 21.15 -12.45
N ASP A 103 -13.62 22.21 -11.97
CA ASP A 103 -13.41 22.71 -10.62
C ASP A 103 -14.27 21.97 -9.59
N MET A 104 -13.87 22.04 -8.32
CA MET A 104 -14.69 21.51 -7.21
C MET A 104 -14.25 22.10 -5.87
N PRO A 105 -15.20 22.31 -4.96
CA PRO A 105 -14.92 22.94 -3.66
C PRO A 105 -14.12 22.08 -2.70
N ALA A 106 -13.36 22.72 -1.81
CA ALA A 106 -12.61 22.02 -0.77
C ALA A 106 -13.56 21.30 0.21
N PRO A 107 -13.08 20.23 0.86
CA PRO A 107 -13.95 19.40 1.70
C PRO A 107 -13.94 19.79 3.17
N ASP A 108 -14.99 19.42 3.89
CA ASP A 108 -15.08 19.63 5.33
C ASP A 108 -14.88 18.31 6.10
N PHE A 109 -14.92 17.18 5.38
CA PHE A 109 -14.64 15.88 5.97
C PHE A 109 -14.24 14.83 4.91
N LEU A 110 -13.69 13.70 5.37
CA LEU A 110 -13.10 12.67 4.49
C LEU A 110 -13.60 11.25 4.79
N LEU A 111 -13.80 10.45 3.74
CA LEU A 111 -14.28 9.07 3.87
C LEU A 111 -13.34 8.09 3.15
N CYS A 112 -12.60 7.28 3.91
CA CYS A 112 -11.55 6.40 3.34
C CYS A 112 -11.79 4.88 3.58
N CYS A 113 -11.73 4.10 2.49
CA CYS A 113 -11.78 2.63 2.58
C CYS A 113 -10.70 2.04 1.70
N ASN A 114 -9.87 1.15 2.27
CA ASN A 114 -8.73 0.57 1.57
C ASN A 114 -9.00 -0.77 0.90
N ASN A 115 -10.20 -0.98 0.38
CA ASN A 115 -10.44 -2.20 -0.38
C ASN A 115 -9.79 -2.14 -1.77
N ILE A 116 -9.64 -0.93 -2.30
CA ILE A 116 -9.03 -0.75 -3.63
C ILE A 116 -7.51 -0.76 -3.58
N CYS A 117 -6.94 -0.23 -2.51
CA CYS A 117 -5.49 -0.18 -2.32
C CYS A 117 -5.16 0.43 -0.96
N ASN A 118 -3.87 0.37 -0.59
CA ASN A 118 -3.41 1.00 0.65
C ASN A 118 -2.85 2.43 0.47
N GLN A 119 -2.52 2.82 -0.77
CA GLN A 119 -2.05 4.19 -1.01
C GLN A 119 -3.05 5.26 -0.54
N VAL A 120 -4.34 4.98 -0.62
CA VAL A 120 -5.35 5.97 -0.23
C VAL A 120 -5.29 6.30 1.27
N ILE A 121 -4.72 5.39 2.05
CA ILE A 121 -4.52 5.62 3.48
C ILE A 121 -3.54 6.76 3.76
N LYS A 122 -2.40 6.75 3.07
CA LYS A 122 -1.37 7.78 3.27
C LYS A 122 -1.83 9.13 2.68
N TRP A 123 -2.47 9.06 1.52
CA TRP A 123 -3.02 10.19 0.78
C TRP A 123 -3.99 10.98 1.65
N TYR A 124 -4.88 10.26 2.33
CA TYR A 124 -5.92 10.89 3.14
C TYR A 124 -5.42 11.35 4.51
N GLU A 125 -4.43 10.65 5.06
CA GLU A 125 -3.70 11.12 6.24
C GLU A 125 -3.16 12.54 6.02
N ASN A 126 -2.54 12.75 4.87
CA ASN A 126 -1.93 14.04 4.54
C ASN A 126 -2.97 15.15 4.46
N ILE A 127 -4.08 14.88 3.78
CA ILE A 127 -5.15 15.86 3.63
C ILE A 127 -5.75 16.24 4.99
N SER A 128 -6.00 15.24 5.83
CA SER A 128 -6.58 15.47 7.15
C SER A 128 -5.70 16.40 8.00
N ARG A 129 -4.40 16.15 8.01
CA ARG A 129 -3.47 16.95 8.80
C ARG A 129 -3.37 18.39 8.30
N GLU A 130 -3.12 18.55 7.00
CA GLU A 130 -2.88 19.87 6.43
C GLU A 130 -4.10 20.80 6.48
N LEU A 131 -5.30 20.24 6.39
CA LEU A 131 -6.52 21.05 6.41
C LEU A 131 -7.28 21.02 7.74
N ASP A 132 -6.86 20.16 8.66
CA ASP A 132 -7.52 19.98 9.96
C ASP A 132 -9.01 19.67 9.83
N ILE A 133 -9.31 18.48 9.29
CA ILE A 133 -10.68 18.00 9.14
C ILE A 133 -10.77 16.51 9.51
N PRO A 134 -11.95 16.06 9.98
CA PRO A 134 -12.17 14.68 10.45
C PRO A 134 -12.02 13.60 9.38
N LEU A 135 -11.21 12.58 9.68
CA LEU A 135 -11.05 11.43 8.79
C LEU A 135 -11.84 10.21 9.28
N ILE A 136 -12.74 9.71 8.44
CA ILE A 136 -13.48 8.49 8.71
C ILE A 136 -12.85 7.29 8.00
N MET A 137 -12.38 6.31 8.79
CA MET A 137 -11.62 5.16 8.27
C MET A 137 -12.38 3.84 8.40
N ILE A 138 -12.55 3.14 7.27
CA ILE A 138 -13.09 1.78 7.27
C ILE A 138 -12.05 0.81 6.72
N ASP A 139 -11.41 0.07 7.63
CA ASP A 139 -10.26 -0.77 7.32
C ASP A 139 -10.68 -2.21 6.96
N THR A 140 -10.65 -2.55 5.67
CA THR A 140 -10.94 -3.90 5.22
C THR A 140 -9.64 -4.67 4.91
N THR A 141 -9.14 -5.41 5.89
CA THR A 141 -7.84 -6.08 5.74
C THR A 141 -7.85 -7.22 4.70
N PHE A 142 -6.74 -7.37 3.98
CA PHE A 142 -6.65 -8.28 2.82
C PHE A 142 -7.02 -9.73 3.17
N ASN A 143 -7.81 -10.36 2.31
CA ASN A 143 -8.17 -11.77 2.49
C ASN A 143 -7.16 -12.73 1.85
N ASN A 144 -6.39 -13.43 2.69
CA ASN A 144 -5.51 -14.50 2.21
C ASN A 144 -6.26 -15.83 2.08
N GLU A 145 -7.12 -16.13 3.05
CA GLU A 145 -8.00 -17.29 2.99
C GLU A 145 -9.08 -17.12 1.91
N ASP A 146 -9.67 -18.22 1.47
CA ASP A 146 -10.77 -18.21 0.50
C ASP A 146 -12.02 -17.47 1.00
N GLU A 147 -12.32 -17.59 2.29
CA GLU A 147 -13.50 -16.93 2.86
C GLU A 147 -13.11 -15.82 3.85
N VAL A 148 -13.98 -14.83 4.02
CA VAL A 148 -13.75 -13.75 4.98
C VAL A 148 -13.83 -14.30 6.40
N THR A 149 -12.76 -14.12 7.18
CA THR A 149 -12.74 -14.63 8.56
C THR A 149 -13.80 -13.94 9.41
N GLN A 150 -14.33 -14.66 10.40
CA GLN A 150 -15.32 -14.08 11.30
C GLN A 150 -14.75 -12.82 11.98
N SER A 151 -13.45 -12.82 12.25
CA SER A 151 -12.80 -11.67 12.89
C SER A 151 -12.88 -10.39 12.04
N ARG A 152 -12.77 -10.55 10.73
CA ARG A 152 -12.92 -9.43 9.79
C ARG A 152 -14.36 -8.89 9.80
N ILE A 153 -15.32 -9.81 9.76
CA ILE A 153 -16.73 -9.44 9.83
C ILE A 153 -17.04 -8.59 11.06
N ASP A 154 -16.60 -9.02 12.24
CA ASP A 154 -16.89 -8.29 13.48
C ASP A 154 -16.21 -6.92 13.50
N TYR A 155 -15.00 -6.86 12.96
CA TYR A 155 -14.17 -5.64 12.96
C TYR A 155 -14.79 -4.55 12.09
N ILE A 156 -15.24 -4.93 10.90
CA ILE A 156 -15.91 -4.00 9.99
C ILE A 156 -17.24 -3.46 10.56
N LYS A 157 -18.08 -4.34 11.07
CA LYS A 157 -19.33 -3.94 11.70
C LYS A 157 -19.12 -2.90 12.80
N ALA A 158 -18.13 -3.15 13.65
CA ALA A 158 -17.76 -2.18 14.70
C ALA A 158 -17.29 -0.85 14.11
N GLN A 159 -16.62 -0.91 12.96
CA GLN A 159 -16.19 0.30 12.28
C GLN A 159 -17.35 1.05 11.62
N PHE A 160 -18.42 0.34 11.25
CA PHE A 160 -19.66 0.98 10.79
C PHE A 160 -20.22 1.86 11.91
N GLU A 161 -20.19 1.34 13.13
CA GLU A 161 -20.72 2.07 14.30
C GLU A 161 -19.98 3.38 14.54
N GLU A 162 -18.65 3.31 14.52
CA GLU A 162 -17.81 4.48 14.73
C GLU A 162 -18.05 5.55 13.66
N ALA A 163 -18.21 5.10 12.41
CA ALA A 163 -18.49 6.03 11.31
C ALA A 163 -19.81 6.78 11.49
N ILE A 164 -20.82 6.10 12.01
CA ILE A 164 -22.12 6.72 12.23
C ILE A 164 -22.09 7.77 13.34
N LYS A 165 -21.32 7.51 14.39
CA LYS A 165 -21.17 8.44 15.50
C LYS A 165 -20.50 9.75 15.04
N GLN A 166 -19.45 9.60 14.24
CA GLN A 166 -18.77 10.76 13.68
C GLN A 166 -19.71 11.59 12.80
N LEU A 167 -20.48 10.90 11.95
CA LEU A 167 -21.37 11.59 11.01
C LEU A 167 -22.54 12.33 11.67
N GLU A 168 -23.02 11.82 12.81
CA GLU A 168 -24.05 12.54 13.56
C GLU A 168 -23.53 13.89 14.05
N ILE A 169 -22.27 13.92 14.46
CA ILE A 169 -21.66 15.17 14.93
C ILE A 169 -21.41 16.14 13.77
N ILE A 170 -20.79 15.66 12.70
CA ILE A 170 -20.55 16.49 11.53
C ILE A 170 -21.83 17.12 10.99
N SER A 171 -22.90 16.33 10.93
CA SER A 171 -24.14 16.76 10.28
C SER A 171 -25.14 17.37 11.24
N GLY A 172 -25.02 17.03 12.53
CA GLY A 172 -25.95 17.54 13.53
C GLY A 172 -27.34 16.93 13.43
N LYS A 173 -27.40 15.67 13.02
CA LYS A 173 -28.67 14.96 12.85
C LYS A 173 -28.56 13.58 13.50
N LYS A 174 -29.71 12.91 13.67
CA LYS A 174 -29.73 11.59 14.30
C LYS A 174 -29.91 10.47 13.28
N PHE A 175 -29.35 9.30 13.57
CA PHE A 175 -29.46 8.14 12.69
C PHE A 175 -30.88 7.61 12.61
N ASP A 176 -31.41 7.49 11.39
CA ASP A 176 -32.79 7.01 11.18
C ASP A 176 -32.86 5.61 10.54
N PRO A 177 -33.24 4.60 11.34
CA PRO A 177 -33.36 3.20 10.92
C PRO A 177 -34.29 3.03 9.73
N LYS A 178 -35.45 3.67 9.76
CA LYS A 178 -36.39 3.62 8.65
C LYS A 178 -35.73 4.09 7.36
N LYS A 179 -34.96 5.17 7.46
CA LYS A 179 -34.29 5.76 6.31
C LYS A 179 -33.14 4.92 5.80
N PHE A 180 -32.47 4.22 6.71
CA PHE A 180 -31.37 3.31 6.38
C PHE A 180 -31.88 2.15 5.51
N GLU A 181 -33.09 1.70 5.81
CA GLU A 181 -33.74 0.63 5.04
C GLU A 181 -34.05 1.04 3.60
N GLU A 182 -34.64 2.23 3.44
CA GLU A 182 -34.94 2.76 2.11
C GLU A 182 -33.70 2.86 1.23
N VAL A 183 -32.64 3.46 1.78
CA VAL A 183 -31.37 3.58 1.05
C VAL A 183 -30.77 2.22 0.68
N MET A 184 -30.90 1.24 1.57
CA MET A 184 -30.43 -0.11 1.25
C MET A 184 -31.15 -0.72 0.04
N LYS A 185 -32.46 -0.45 -0.08
CA LYS A 185 -33.26 -0.99 -1.18
C LYS A 185 -32.89 -0.35 -2.52
N ILE A 186 -32.72 0.98 -2.53
CA ILE A 186 -32.25 1.70 -3.71
C ILE A 186 -30.89 1.17 -4.19
N SER A 187 -29.94 1.07 -3.27
CA SER A 187 -28.58 0.64 -3.59
C SER A 187 -28.52 -0.77 -4.19
N ALA A 188 -29.39 -1.65 -3.70
CA ALA A 188 -29.44 -3.04 -4.16
C ALA A 188 -29.93 -3.19 -5.60
N GLU A 189 -30.88 -2.36 -6.00
CA GLU A 189 -31.39 -2.43 -7.38
C GLU A 189 -30.38 -1.85 -8.38
N ASN A 190 -29.74 -0.76 -8.00
CA ASN A 190 -28.74 -0.13 -8.85
C ASN A 190 -27.50 -1.03 -9.06
N GLY A 191 -27.08 -1.71 -8.00
CA GLY A 191 -26.01 -2.70 -8.12
C GLY A 191 -26.29 -3.71 -9.23
N ARG A 192 -27.49 -4.27 -9.23
CA ARG A 192 -27.89 -5.30 -10.19
C ARG A 192 -28.11 -4.76 -11.61
N LEU A 193 -28.51 -3.49 -11.72
CA LEU A 193 -28.68 -2.84 -13.01
C LEU A 193 -27.33 -2.54 -13.68
N TRP A 194 -26.32 -2.21 -12.87
CA TRP A 194 -24.96 -1.99 -13.35
C TRP A 194 -24.37 -3.27 -13.91
N LYS A 195 -24.56 -4.36 -13.17
CA LYS A 195 -24.00 -5.65 -13.54
C LYS A 195 -24.64 -6.21 -14.81
N TYR A 196 -25.97 -6.08 -14.92
CA TYR A 196 -26.70 -6.55 -16.08
C TYR A 196 -26.36 -5.76 -17.35
N SER A 197 -26.39 -4.44 -17.25
CA SER A 197 -26.21 -3.61 -18.45
C SER A 197 -24.82 -3.75 -19.08
N MET A 198 -23.79 -3.81 -18.24
CA MET A 198 -22.42 -3.84 -18.73
C MET A 198 -21.94 -5.25 -19.10
N SER A 199 -22.79 -6.25 -18.88
CA SER A 199 -22.50 -7.64 -19.26
C SER A 199 -23.14 -8.02 -20.61
N LEU A 200 -23.97 -7.14 -21.15
CA LEU A 200 -24.67 -7.38 -22.42
C LEU A 200 -23.76 -7.65 -23.63
N PRO A 201 -22.57 -7.03 -23.67
CA PRO A 201 -21.69 -7.31 -24.82
C PRO A 201 -21.30 -8.79 -24.91
N ALA A 202 -21.31 -9.49 -23.78
CA ALA A 202 -20.80 -10.85 -23.71
C ALA A 202 -21.52 -11.85 -24.61
N ASP A 203 -22.85 -11.74 -24.70
CA ASP A 203 -23.65 -12.72 -25.44
C ASP A 203 -24.24 -12.18 -26.73
N SER A 204 -23.62 -11.14 -27.28
CA SER A 204 -24.12 -10.50 -28.48
C SER A 204 -23.00 -10.35 -29.51
N SER A 205 -23.22 -10.87 -30.71
CA SER A 205 -22.24 -10.76 -31.79
C SER A 205 -22.85 -10.13 -33.02
N PRO A 206 -22.48 -8.87 -33.32
CA PRO A 206 -21.50 -8.06 -32.57
C PRO A 206 -22.12 -7.33 -31.37
N SER A 207 -21.28 -6.81 -30.49
CA SER A 207 -21.73 -6.04 -29.32
C SER A 207 -22.53 -4.79 -29.68
N PRO A 208 -23.48 -4.40 -28.83
CA PRO A 208 -24.31 -3.20 -29.00
C PRO A 208 -23.60 -1.88 -28.65
N MET A 209 -22.35 -1.94 -28.21
CA MET A 209 -21.62 -0.72 -27.86
C MET A 209 -20.12 -0.86 -28.03
N ASN A 210 -19.42 0.27 -28.01
CA ASN A 210 -17.97 0.30 -27.91
C ASN A 210 -17.59 0.02 -26.46
N GLY A 211 -16.66 -0.91 -26.25
CA GLY A 211 -16.24 -1.31 -24.92
C GLY A 211 -15.75 -0.16 -24.06
N PHE A 212 -15.09 0.82 -24.67
CA PHE A 212 -14.60 1.99 -23.96
C PHE A 212 -15.73 2.77 -23.28
N ASP A 213 -16.95 2.64 -23.82
CA ASP A 213 -18.11 3.35 -23.28
C ASP A 213 -18.37 3.03 -21.81
N LEU A 214 -17.94 1.86 -21.36
CA LEU A 214 -18.16 1.42 -19.98
C LEU A 214 -17.54 2.41 -18.98
N PHE A 215 -16.45 3.04 -19.38
CA PHE A 215 -15.71 3.88 -18.45
C PHE A 215 -16.26 5.31 -18.33
N THR A 216 -17.22 5.65 -19.19
CA THR A 216 -17.99 6.88 -19.03
C THR A 216 -19.20 6.63 -18.13
N TYR A 217 -19.85 5.48 -18.32
CA TYR A 217 -20.99 5.10 -17.49
C TYR A 217 -20.56 4.87 -16.03
N MET A 218 -19.34 4.40 -15.85
CA MET A 218 -18.79 4.08 -14.54
C MET A 218 -18.93 5.22 -13.52
N ALA A 219 -18.73 6.45 -13.98
CA ALA A 219 -18.71 7.59 -13.06
C ALA A 219 -20.02 7.75 -12.29
N VAL A 220 -21.13 7.33 -12.89
CA VAL A 220 -22.44 7.44 -12.26
C VAL A 220 -22.63 6.44 -11.12
N ILE A 221 -22.21 5.19 -11.33
CA ILE A 221 -22.35 4.18 -10.29
C ILE A 221 -21.41 4.44 -9.11
N VAL A 222 -20.34 5.20 -9.36
CA VAL A 222 -19.40 5.55 -8.30
C VAL A 222 -19.94 6.68 -7.41
N CYS A 223 -20.47 7.74 -8.03
CA CYS A 223 -20.82 8.93 -7.27
CA CYS A 223 -20.84 8.96 -7.32
C CYS A 223 -22.27 9.01 -6.78
N ALA A 224 -23.17 8.21 -7.37
CA ALA A 224 -24.57 8.25 -6.96
C ALA A 224 -25.25 6.88 -6.88
N ARG A 225 -24.61 5.95 -6.19
CA ARG A 225 -25.08 4.56 -6.11
C ARG A 225 -26.38 4.42 -5.30
N GLY A 226 -26.60 5.31 -4.34
CA GLY A 226 -27.78 5.23 -3.49
C GLY A 226 -28.96 6.14 -3.86
N LYS A 227 -28.97 6.66 -5.09
CA LYS A 227 -29.98 7.65 -5.48
C LYS A 227 -31.00 7.16 -6.53
N LYS A 228 -32.25 7.60 -6.39
CA LYS A 228 -33.34 7.15 -7.25
C LYS A 228 -33.14 7.57 -8.72
N GLU A 229 -32.52 8.72 -8.95
CA GLU A 229 -32.30 9.21 -10.32
C GLU A 229 -31.42 8.24 -11.11
N THR A 230 -30.51 7.58 -10.41
CA THR A 230 -29.61 6.62 -11.05
C THR A 230 -30.39 5.40 -11.54
N THR A 231 -31.33 4.93 -10.74
CA THR A 231 -32.20 3.82 -11.16
C THR A 231 -32.85 4.09 -12.52
N GLU A 232 -33.43 5.28 -12.65
CA GLU A 232 -34.19 5.62 -13.85
C GLU A 232 -33.29 5.83 -15.07
N ALA A 233 -32.06 6.30 -14.83
CA ALA A 233 -31.12 6.52 -15.93
C ALA A 233 -30.63 5.20 -16.53
N PHE A 234 -30.35 4.23 -15.67
CA PHE A 234 -29.88 2.91 -16.14
C PHE A 234 -30.99 2.12 -16.85
N LYS A 235 -32.23 2.38 -16.49
CA LYS A 235 -33.36 1.74 -17.18
C LYS A 235 -33.47 2.24 -18.63
N LEU A 236 -33.17 3.52 -18.82
CA LEU A 236 -33.18 4.11 -20.16
C LEU A 236 -32.05 3.54 -21.02
N LEU A 237 -30.84 3.49 -20.44
CA LEU A 237 -29.66 2.96 -21.13
C LEU A 237 -29.89 1.52 -21.59
N ILE A 238 -30.53 0.73 -20.74
CA ILE A 238 -30.83 -0.66 -21.03
C ILE A 238 -31.78 -0.82 -22.22
N GLU A 239 -32.83 0.00 -22.26
CA GLU A 239 -33.77 -0.02 -23.38
C GLU A 239 -33.04 0.21 -24.71
N GLU A 240 -32.11 1.16 -24.72
CA GLU A 240 -31.38 1.52 -25.94
C GLU A 240 -30.48 0.39 -26.43
N LEU A 241 -29.74 -0.23 -25.50
CA LEU A 241 -28.80 -1.27 -25.86
C LEU A 241 -29.52 -2.48 -26.44
N GLU A 242 -30.64 -2.84 -25.82
CA GLU A 242 -31.45 -3.97 -26.28
C GLU A 242 -32.00 -3.78 -27.69
N ASP A 243 -32.37 -2.55 -28.04
CA ASP A 243 -32.86 -2.26 -29.39
C ASP A 243 -31.71 -2.39 -30.39
N ASN A 244 -30.53 -1.91 -29.99
CA ASN A 244 -29.32 -2.08 -30.80
C ASN A 244 -29.10 -3.54 -31.13
N MET A 245 -29.30 -4.39 -30.13
CA MET A 245 -29.14 -5.84 -30.27
C MET A 245 -30.06 -6.43 -31.35
N LYS A 246 -31.16 -5.75 -31.63
CA LYS A 246 -32.12 -6.24 -32.63
C LYS A 246 -31.89 -5.66 -34.02
N THR A 247 -31.29 -4.47 -34.08
CA THR A 247 -31.17 -3.74 -35.34
C THR A 247 -29.79 -3.86 -35.98
N GLY A 248 -28.81 -4.27 -35.19
CA GLY A 248 -27.44 -4.34 -35.66
C GLY A 248 -26.73 -2.99 -35.56
N LYS A 249 -27.15 -2.18 -34.60
CA LYS A 249 -26.55 -0.87 -34.40
C LYS A 249 -25.62 -0.85 -33.18
N SER A 250 -24.62 0.03 -33.21
CA SER A 250 -23.76 0.23 -32.04
C SER A 250 -22.82 1.42 -32.22
N SER A 251 -22.32 1.94 -31.11
CA SER A 251 -21.43 3.10 -31.15
C SER A 251 -20.05 2.77 -31.72
N PHE A 252 -19.73 1.49 -31.83
CA PHE A 252 -18.45 1.07 -32.38
C PHE A 252 -18.35 1.37 -33.88
N ARG A 253 -17.35 2.14 -34.26
CA ARG A 253 -17.06 2.38 -35.67
C ARG A 253 -16.08 1.34 -36.18
N GLY A 254 -16.26 0.90 -37.42
CA GLY A 254 -15.44 -0.15 -37.98
C GLY A 254 -16.08 -1.52 -37.80
N GLU A 255 -15.63 -2.49 -38.59
CA GLU A 255 -16.16 -3.85 -38.51
C GLU A 255 -15.59 -4.61 -37.33
N GLU A 256 -16.47 -5.24 -36.55
CA GLU A 256 -16.05 -6.03 -35.39
C GLU A 256 -15.48 -7.38 -35.82
N LYS A 257 -14.18 -7.41 -36.06
CA LYS A 257 -13.52 -8.62 -36.54
C LYS A 257 -12.94 -9.45 -35.40
N TYR A 258 -12.43 -8.78 -34.36
CA TYR A 258 -11.80 -9.47 -33.23
C TYR A 258 -12.39 -9.03 -31.89
N ARG A 259 -12.60 -9.99 -30.99
CA ARG A 259 -13.14 -9.73 -29.65
C ARG A 259 -12.07 -9.96 -28.59
N ILE A 260 -11.84 -8.97 -27.73
CA ILE A 260 -10.80 -9.08 -26.70
C ILE A 260 -11.25 -8.68 -25.30
N MET A 261 -10.44 -9.02 -24.30
CA MET A 261 -10.54 -8.47 -22.95
C MET A 261 -9.33 -7.57 -22.71
N MET A 262 -9.55 -6.35 -22.23
CA MET A 262 -8.45 -5.47 -21.83
C MET A 262 -8.30 -5.36 -20.31
N GLU A 263 -7.11 -5.64 -19.81
CA GLU A 263 -6.84 -5.51 -18.37
C GLU A 263 -6.40 -4.09 -18.03
N GLY A 264 -7.09 -3.46 -17.09
CA GLY A 264 -6.72 -2.14 -16.62
C GLY A 264 -7.64 -1.01 -17.04
N ILE A 265 -7.52 0.13 -16.36
CA ILE A 265 -8.29 1.31 -16.74
C ILE A 265 -7.55 2.07 -17.85
N PRO A 266 -8.31 2.85 -18.64
CA PRO A 266 -7.79 3.53 -19.83
C PRO A 266 -6.82 4.67 -19.52
N CYS A 267 -5.94 4.99 -20.47
CA CYS A 267 -5.05 6.14 -20.36
C CYS A 267 -5.80 7.39 -20.85
N TRP A 268 -6.34 8.16 -19.92
CA TRP A 268 -7.27 9.24 -20.27
C TRP A 268 -6.71 10.33 -21.22
N PRO A 269 -5.46 10.77 -20.99
CA PRO A 269 -4.89 11.80 -21.89
C PRO A 269 -4.81 11.36 -23.36
N TYR A 270 -5.13 10.11 -23.66
CA TYR A 270 -4.93 9.59 -25.02
C TYR A 270 -6.12 8.77 -25.52
N ILE A 271 -7.22 8.77 -24.76
CA ILE A 271 -8.34 7.86 -25.05
C ILE A 271 -8.90 8.03 -26.47
N GLY A 272 -8.76 9.23 -27.02
CA GLY A 272 -9.23 9.51 -28.36
C GLY A 272 -8.41 8.79 -29.41
N TYR A 273 -7.09 8.80 -29.22
CA TYR A 273 -6.19 8.09 -30.12
C TYR A 273 -6.35 6.57 -30.02
N LYS A 274 -6.62 6.10 -28.81
CA LYS A 274 -6.80 4.67 -28.56
C LYS A 274 -8.06 4.09 -29.23
N MET A 275 -9.17 4.82 -29.13
CA MET A 275 -10.43 4.36 -29.74
C MET A 275 -10.32 4.21 -31.25
N LYS A 276 -9.76 5.23 -31.91
CA LYS A 276 -9.62 5.22 -33.37
C LYS A 276 -8.65 4.15 -33.84
N THR A 277 -7.61 3.91 -33.05
CA THR A 277 -6.58 2.93 -33.42
C THR A 277 -7.10 1.50 -33.39
N LEU A 278 -7.83 1.14 -32.34
CA LEU A 278 -8.37 -0.22 -32.20
C LEU A 278 -9.41 -0.51 -33.28
N ALA A 279 -10.27 0.48 -33.54
CA ALA A 279 -11.31 0.32 -34.55
C ALA A 279 -10.71 0.19 -35.94
N LYS A 280 -9.59 0.89 -36.15
CA LYS A 280 -8.86 0.77 -37.40
C LYS A 280 -8.54 -0.69 -37.70
N PHE A 281 -8.11 -1.43 -36.69
CA PHE A 281 -7.72 -2.82 -36.85
C PHE A 281 -8.90 -3.80 -36.70
N GLY A 282 -10.05 -3.28 -36.31
CA GLY A 282 -11.25 -4.09 -36.17
C GLY A 282 -11.44 -4.71 -34.80
N VAL A 283 -10.79 -4.15 -33.78
CA VAL A 283 -10.77 -4.73 -32.43
C VAL A 283 -11.78 -4.06 -31.48
N ASN A 284 -12.56 -4.86 -30.75
CA ASN A 284 -13.52 -4.34 -29.76
C ASN A 284 -13.58 -5.18 -28.48
N MET A 285 -13.66 -4.52 -27.33
CA MET A 285 -13.64 -5.18 -26.03
C MET A 285 -15.02 -5.74 -25.64
N THR A 286 -15.17 -7.07 -25.61
CA THR A 286 -16.46 -7.68 -25.27
C THR A 286 -16.42 -8.55 -24.00
N GLY A 287 -15.26 -8.65 -23.37
CA GLY A 287 -15.14 -9.31 -22.08
C GLY A 287 -14.50 -8.38 -21.06
N SER A 288 -15.10 -8.30 -19.87
CA SER A 288 -14.66 -7.33 -18.87
C SER A 288 -14.89 -7.83 -17.44
N VAL A 289 -14.08 -7.35 -16.50
CA VAL A 289 -14.24 -7.73 -15.09
C VAL A 289 -15.02 -6.66 -14.33
N TYR A 290 -15.07 -5.45 -14.88
CA TYR A 290 -15.62 -4.31 -14.15
C TYR A 290 -17.13 -4.36 -13.81
N PRO A 291 -17.91 -5.13 -14.58
CA PRO A 291 -19.32 -5.28 -14.16
C PRO A 291 -19.44 -5.85 -12.73
N HIS A 292 -18.39 -6.47 -12.21
CA HIS A 292 -18.45 -7.08 -10.88
C HIS A 292 -17.94 -6.14 -9.78
N ALA A 293 -17.34 -5.02 -10.16
CA ALA A 293 -16.73 -4.11 -9.20
C ALA A 293 -17.74 -3.45 -8.25
N TRP A 294 -18.85 -2.96 -8.80
CA TRP A 294 -19.83 -2.21 -8.01
C TRP A 294 -21.20 -2.88 -7.84
N ALA A 295 -21.31 -4.17 -8.19
CA ALA A 295 -22.56 -4.88 -7.97
C ALA A 295 -22.94 -4.88 -6.47
N LEU A 296 -21.94 -5.14 -5.62
CA LEU A 296 -22.12 -5.06 -4.18
C LEU A 296 -23.47 -5.59 -3.71
N GLN A 297 -23.61 -6.93 -3.71
CA GLN A 297 -24.86 -7.59 -3.36
C GLN A 297 -24.95 -8.05 -1.91
N TYR A 298 -26.06 -7.74 -1.26
CA TYR A 298 -26.39 -8.30 0.06
C TYR A 298 -27.91 -8.34 0.26
N GLU A 299 -28.39 -9.10 1.25
CA GLU A 299 -29.81 -9.14 1.60
C GLU A 299 -30.19 -7.91 2.43
N VAL A 300 -31.22 -7.19 2.00
CA VAL A 300 -31.63 -5.96 2.67
C VAL A 300 -31.79 -6.15 4.19
N ASN A 301 -31.24 -5.21 4.96
CA ASN A 301 -31.27 -5.26 6.43
C ASN A 301 -30.20 -6.17 7.07
N ASP A 302 -29.27 -6.68 6.26
CA ASP A 302 -28.26 -7.64 6.75
C ASP A 302 -26.87 -7.00 6.87
N LEU A 303 -26.51 -6.58 8.08
CA LEU A 303 -25.21 -5.95 8.34
C LEU A 303 -24.02 -6.87 8.04
N ASP A 304 -24.12 -8.13 8.43
CA ASP A 304 -23.04 -9.09 8.15
C ASP A 304 -22.81 -9.22 6.65
N GLY A 305 -23.90 -9.25 5.89
CA GLY A 305 -23.82 -9.39 4.45
C GLY A 305 -23.21 -8.16 3.78
N MET A 306 -23.53 -6.98 4.31
CA MET A 306 -22.97 -5.73 3.79
C MET A 306 -21.45 -5.69 3.99
N ALA A 307 -21.00 -6.04 5.19
CA ALA A 307 -19.58 -6.14 5.50
C ALA A 307 -18.82 -7.06 4.52
N VAL A 308 -19.37 -8.26 4.28
CA VAL A 308 -18.74 -9.22 3.39
C VAL A 308 -18.61 -8.69 1.96
N ALA A 309 -19.61 -7.92 1.52
CA ALA A 309 -19.64 -7.38 0.16
C ALA A 309 -18.52 -6.38 -0.12
N TYR A 310 -18.33 -5.43 0.79
CA TYR A 310 -17.27 -4.44 0.65
C TYR A 310 -15.89 -5.07 0.86
N SER A 311 -15.83 -6.09 1.69
CA SER A 311 -14.59 -6.83 1.93
C SER A 311 -14.09 -7.59 0.70
N THR A 312 -15.02 -8.10 -0.12
CA THR A 312 -14.68 -9.00 -1.23
C THR A 312 -14.67 -8.39 -2.65
N MET A 313 -14.62 -7.05 -2.75
CA MET A 313 -14.39 -6.42 -4.04
C MET A 313 -13.07 -6.96 -4.58
N PHE A 314 -12.98 -7.17 -5.89
CA PHE A 314 -11.90 -7.99 -6.46
C PHE A 314 -10.46 -7.49 -6.32
N ASN A 315 -10.27 -6.28 -5.82
CA ASN A 315 -8.93 -5.80 -5.50
C ASN A 315 -8.40 -6.36 -4.17
N ASN A 316 -9.28 -7.00 -3.40
CA ASN A 316 -8.98 -7.35 -2.01
C ASN A 316 -9.08 -8.86 -1.69
N VAL A 317 -8.95 -9.69 -2.73
CA VAL A 317 -9.04 -11.14 -2.60
C VAL A 317 -7.78 -11.85 -3.14
N ASN A 318 -7.59 -13.13 -2.78
CA ASN A 318 -6.31 -13.80 -3.07
C ASN A 318 -6.03 -14.05 -4.56
N LEU A 319 -4.77 -14.32 -4.89
CA LEU A 319 -4.35 -14.37 -6.29
C LEU A 319 -5.07 -15.47 -7.07
N ASP A 320 -5.43 -16.56 -6.39
CA ASP A 320 -6.25 -17.59 -7.03
C ASP A 320 -7.60 -17.00 -7.49
N ARG A 321 -8.29 -16.30 -6.60
CA ARG A 321 -9.59 -15.72 -6.97
C ARG A 321 -9.46 -14.64 -8.05
N MET A 322 -8.45 -13.77 -7.92
CA MET A 322 -8.19 -12.73 -8.91
C MET A 322 -8.08 -13.35 -10.31
N THR A 323 -7.36 -14.46 -10.39
CA THR A 323 -7.12 -15.14 -11.66
C THR A 323 -8.42 -15.68 -12.25
N LYS A 324 -9.27 -16.24 -11.40
CA LYS A 324 -10.54 -16.81 -11.86
C LYS A 324 -11.42 -15.75 -12.54
N TYR A 325 -11.41 -14.52 -12.02
CA TYR A 325 -12.18 -13.43 -12.63
C TYR A 325 -11.80 -13.21 -14.09
N ARG A 326 -10.50 -13.15 -14.36
CA ARG A 326 -10.02 -12.95 -15.73
C ARG A 326 -10.31 -14.15 -16.66
N VAL A 327 -10.20 -15.36 -16.12
CA VAL A 327 -10.51 -16.56 -16.91
C VAL A 327 -11.98 -16.56 -17.37
N ASP A 328 -12.90 -16.38 -16.42
CA ASP A 328 -14.33 -16.40 -16.72
C ASP A 328 -14.77 -15.31 -17.70
N SER A 329 -14.18 -14.11 -17.61
CA SER A 329 -14.57 -13.03 -18.52
C SER A 329 -14.14 -13.32 -19.96
N LEU A 330 -13.02 -14.02 -20.11
CA LEU A 330 -12.52 -14.38 -21.44
C LEU A 330 -13.36 -15.45 -22.13
N VAL A 331 -13.82 -16.44 -21.36
CA VAL A 331 -14.58 -17.54 -21.95
C VAL A 331 -16.02 -17.11 -22.16
N GLU A 332 -16.57 -16.38 -21.20
CA GLU A 332 -17.95 -15.90 -21.30
C GLU A 332 -18.14 -14.88 -22.42
N GLY A 333 -17.16 -14.00 -22.61
CA GLY A 333 -17.25 -12.98 -23.63
C GLY A 333 -16.96 -13.47 -25.04
N LYS A 334 -16.66 -14.76 -25.17
CA LYS A 334 -16.26 -15.33 -26.45
C LYS A 334 -15.10 -14.56 -27.07
N CYS A 335 -14.03 -14.37 -26.28
CA CYS A 335 -12.90 -13.54 -26.72
C CYS A 335 -11.86 -14.33 -27.53
N ASP A 336 -11.14 -13.61 -28.38
CA ASP A 336 -10.06 -14.18 -29.20
C ASP A 336 -8.65 -13.90 -28.66
N GLY A 337 -8.56 -13.07 -27.62
CA GLY A 337 -7.27 -12.73 -27.03
C GLY A 337 -7.35 -11.75 -25.86
N ALA A 338 -6.21 -11.45 -25.26
CA ALA A 338 -6.12 -10.50 -24.14
C ALA A 338 -4.98 -9.48 -24.31
N PHE A 339 -5.24 -8.24 -23.86
CA PHE A 339 -4.33 -7.10 -24.06
C PHE A 339 -4.15 -6.35 -22.72
N TYR A 340 -2.92 -6.32 -22.21
CA TYR A 340 -2.63 -5.88 -20.84
C TYR A 340 -2.01 -4.47 -20.71
N HIS A 341 -2.61 -3.64 -19.86
CA HIS A 341 -2.07 -2.32 -19.54
C HIS A 341 -1.18 -2.37 -18.31
N MET A 342 0.13 -2.13 -18.48
CA MET A 342 1.01 -2.04 -17.32
C MET A 342 0.99 -0.58 -16.86
N ASN A 343 0.23 -0.33 -15.78
CA ASN A 343 -0.03 1.03 -15.32
C ASN A 343 0.93 1.50 -14.22
N ARG A 344 1.78 2.47 -14.54
CA ARG A 344 2.87 2.90 -13.64
C ARG A 344 2.39 3.40 -12.27
N SER A 345 1.14 3.87 -12.20
CA SER A 345 0.58 4.39 -10.95
C SER A 345 0.19 3.30 -9.96
N CYS A 346 -0.27 2.17 -10.47
CA CYS A 346 -0.95 1.17 -9.65
C CYS A 346 -0.08 -0.04 -9.34
N LYS A 347 0.56 -0.02 -8.18
CA LYS A 347 1.46 -1.09 -7.79
C LYS A 347 0.71 -2.38 -7.48
N LEU A 348 -0.48 -2.25 -6.89
CA LEU A 348 -1.26 -3.42 -6.53
C LEU A 348 -1.57 -4.28 -7.75
N MET A 349 -2.04 -3.63 -8.82
CA MET A 349 -2.34 -4.35 -10.05
C MET A 349 -1.09 -4.76 -10.83
N SER A 350 -0.05 -3.91 -10.80
CA SER A 350 1.16 -4.17 -11.58
C SER A 350 2.04 -5.30 -11.02
N LEU A 351 2.07 -5.44 -9.70
CA LEU A 351 3.01 -6.39 -9.10
C LEU A 351 2.56 -7.87 -9.10
N ILE A 352 1.36 -8.14 -9.60
CA ILE A 352 0.93 -9.53 -9.79
C ILE A 352 0.55 -9.86 -11.23
N GLN A 353 0.81 -8.91 -12.14
CA GLN A 353 0.38 -9.06 -13.53
C GLN A 353 1.08 -10.23 -14.25
N TYR A 354 2.40 -10.34 -14.08
CA TYR A 354 3.16 -11.39 -14.76
C TYR A 354 2.62 -12.80 -14.47
N GLU A 355 2.35 -13.10 -13.20
CA GLU A 355 1.88 -14.43 -12.81
C GLU A 355 0.42 -14.66 -13.24
N MET A 356 -0.40 -13.63 -13.14
CA MET A 356 -1.80 -13.74 -13.52
C MET A 356 -1.97 -13.97 -15.02
N GLN A 357 -1.12 -13.34 -15.82
CA GLN A 357 -1.22 -13.46 -17.28
C GLN A 357 -0.71 -14.80 -17.79
N ARG A 358 0.26 -15.38 -17.10
CA ARG A 358 0.73 -16.72 -17.43
C ARG A 358 -0.38 -17.74 -17.19
N ARG A 359 -1.02 -17.63 -16.03
CA ARG A 359 -2.07 -18.58 -15.63
C ARG A 359 -3.28 -18.55 -16.56
N ALA A 360 -3.74 -17.34 -16.89
CA ALA A 360 -4.91 -17.19 -17.75
C ALA A 360 -4.69 -17.81 -19.14
N ALA A 361 -3.53 -17.56 -19.73
CA ALA A 361 -3.20 -18.11 -21.04
C ALA A 361 -3.14 -19.64 -21.01
N GLU A 362 -2.71 -20.19 -19.88
CA GLU A 362 -2.60 -21.63 -19.73
C GLU A 362 -3.98 -22.30 -19.72
N GLU A 363 -4.93 -21.69 -19.01
CA GLU A 363 -6.27 -22.25 -18.87
C GLU A 363 -7.15 -22.14 -20.11
N THR A 364 -6.96 -21.09 -20.90
CA THR A 364 -7.85 -20.82 -22.02
C THR A 364 -7.21 -21.13 -23.37
N GLY A 365 -5.89 -21.12 -23.40
CA GLY A 365 -5.16 -21.36 -24.63
C GLY A 365 -5.10 -20.17 -25.56
N LEU A 366 -5.43 -18.99 -25.06
CA LEU A 366 -5.57 -17.78 -25.89
C LEU A 366 -4.30 -16.93 -25.92
N PRO A 367 -4.12 -16.15 -27.01
CA PRO A 367 -2.97 -15.26 -27.24
C PRO A 367 -3.05 -13.97 -26.41
N TYR A 368 -1.91 -13.37 -26.08
CA TYR A 368 -1.90 -12.11 -25.32
C TYR A 368 -0.68 -11.24 -25.63
N ALA A 369 -0.80 -9.95 -25.32
CA ALA A 369 0.30 -8.99 -25.43
C ALA A 369 0.02 -7.82 -24.49
N GLY A 370 0.92 -6.83 -24.44
CA GLY A 370 0.76 -5.70 -23.53
C GLY A 370 1.51 -4.42 -23.87
N PHE A 371 1.22 -3.35 -23.12
CA PHE A 371 1.83 -2.04 -23.34
C PHE A 371 1.99 -1.24 -22.02
N ASP A 372 2.93 -0.29 -22.00
CA ASP A 372 3.14 0.55 -20.82
C ASP A 372 2.33 1.86 -20.87
N GLY A 373 1.78 2.29 -19.73
CA GLY A 373 1.06 3.56 -19.67
C GLY A 373 0.70 4.04 -18.27
N ASP A 374 -0.20 5.01 -18.20
CA ASP A 374 -0.71 5.55 -16.92
C ASP A 374 -2.10 6.15 -17.13
N GLN A 375 -2.93 6.15 -16.10
CA GLN A 375 -4.33 6.60 -16.27
C GLN A 375 -4.48 8.12 -16.34
N ALA A 376 -3.50 8.87 -15.83
CA ALA A 376 -3.61 10.32 -15.74
C ALA A 376 -2.35 11.12 -16.14
N ASP A 377 -1.17 10.52 -16.05
CA ASP A 377 0.08 11.21 -16.35
C ASP A 377 0.53 10.88 -17.78
N PRO A 378 0.57 11.90 -18.67
CA PRO A 378 0.87 11.68 -20.09
C PRO A 378 2.31 11.30 -20.39
N ARG A 379 3.21 11.48 -19.42
CA ARG A 379 4.63 11.20 -19.64
C ARG A 379 4.96 9.70 -19.72
N ALA A 380 3.97 8.85 -19.47
CA ALA A 380 4.21 7.41 -19.34
C ALA A 380 3.81 6.58 -20.55
N PHE A 381 3.23 7.22 -21.56
CA PHE A 381 2.59 6.54 -22.69
C PHE A 381 3.24 7.01 -23.99
N THR A 382 3.42 6.07 -24.93
CA THR A 382 4.03 6.37 -26.21
C THR A 382 3.22 5.75 -27.35
N ASN A 383 2.64 6.60 -28.20
CA ASN A 383 1.80 6.15 -29.31
C ASN A 383 2.45 5.01 -30.11
N ALA A 384 3.69 5.23 -30.54
CA ALA A 384 4.39 4.26 -31.38
C ALA A 384 4.43 2.86 -30.78
N GLN A 385 4.71 2.75 -29.48
CA GLN A 385 4.74 1.44 -28.81
C GLN A 385 3.37 0.78 -28.86
N PHE A 386 2.33 1.54 -28.51
CA PHE A 386 0.97 1.05 -28.51
C PHE A 386 0.63 0.45 -29.87
N GLU A 387 0.90 1.23 -30.91
CA GLU A 387 0.67 0.80 -32.29
C GLU A 387 1.31 -0.56 -32.61
N THR A 388 2.61 -0.69 -32.36
CA THR A 388 3.32 -1.92 -32.70
C THR A 388 2.80 -3.14 -31.93
N ARG A 389 2.49 -2.97 -30.66
CA ARG A 389 2.00 -4.07 -29.82
C ARG A 389 0.65 -4.63 -30.28
N ILE A 390 -0.32 -3.76 -30.56
CA ILE A 390 -1.63 -4.24 -30.98
C ILE A 390 -1.56 -4.92 -32.36
N GLN A 391 -0.76 -4.35 -33.25
CA GLN A 391 -0.54 -4.93 -34.58
C GLN A 391 -0.04 -6.37 -34.48
N GLY A 392 0.84 -6.62 -33.53
CA GLY A 392 1.42 -7.93 -33.34
C GLY A 392 0.39 -8.96 -32.89
N LEU A 393 -0.52 -8.55 -32.02
CA LEU A 393 -1.57 -9.43 -31.53
C LEU A 393 -2.60 -9.72 -32.62
N VAL A 394 -2.91 -8.69 -33.42
CA VAL A 394 -3.85 -8.84 -34.53
C VAL A 394 -3.35 -9.85 -35.55
N GLU A 395 -2.06 -9.82 -35.85
CA GLU A 395 -1.46 -10.74 -36.80
C GLU A 395 -1.60 -12.19 -36.36
N VAL A 396 -1.55 -12.41 -35.05
CA VAL A 396 -1.65 -13.74 -34.47
C VAL A 396 -3.09 -14.25 -34.43
N MET A 397 -4.01 -13.40 -33.98
CA MET A 397 -5.44 -13.77 -33.97
C MET A 397 -5.94 -14.10 -35.38
N GLU A 398 -5.45 -13.38 -36.38
CA GLU A 398 -5.88 -13.60 -37.76
C GLU A 398 -5.30 -14.88 -38.35
N GLU A 399 -4.09 -15.25 -37.93
CA GLU A 399 -3.49 -16.49 -38.39
C GLU A 399 -4.26 -17.69 -37.84
N ARG A 400 -4.84 -17.50 -36.66
CA ARG A 400 -5.69 -18.51 -36.03
C ARG A 400 -6.91 -18.83 -36.89
N LYS A 401 -7.81 -17.85 -37.05
CA LYS A 401 -9.04 -18.11 -37.80
C LYS A 401 -8.80 -18.44 -39.27
N LYS A 402 -7.58 -18.20 -39.74
CA LYS A 402 -7.21 -18.59 -41.10
C LYS A 402 -7.17 -20.11 -41.18
N LEU A 403 -7.09 -20.76 -40.03
CA LEU A 403 -7.06 -22.21 -39.96
C LEU A 403 -8.47 -22.76 -39.75
N ASN A 404 -9.29 -22.02 -39.02
CA ASN A 404 -10.67 -22.40 -38.77
C ASN A 404 -11.60 -21.98 -39.91
N MET B 1 36.80 -4.04 24.04
CA MET B 1 35.57 -4.38 23.33
C MET B 1 35.87 -5.18 22.05
N GLU B 2 37.15 -5.38 21.77
CA GLU B 2 37.58 -6.06 20.56
C GLU B 2 37.00 -7.47 20.41
N ALA B 3 36.98 -8.21 21.52
CA ALA B 3 36.44 -9.56 21.48
C ALA B 3 34.95 -9.51 21.15
N ILE B 4 34.24 -8.59 21.79
CA ILE B 4 32.80 -8.45 21.56
C ILE B 4 32.47 -8.06 20.12
N LEU B 5 33.22 -7.12 19.56
CA LEU B 5 32.94 -6.62 18.22
C LEU B 5 33.22 -7.67 17.15
N SER B 6 34.21 -8.53 17.44
CA SER B 6 34.57 -9.62 16.52
C SER B 6 33.47 -10.67 16.49
N LYS B 7 32.82 -10.88 17.62
CA LYS B 7 31.72 -11.82 17.73
C LYS B 7 30.50 -11.35 16.92
N MET B 8 30.18 -10.07 17.04
CA MET B 8 29.06 -9.46 16.33
C MET B 8 29.27 -9.51 14.81
N LYS B 9 30.46 -9.12 14.37
CA LYS B 9 30.79 -9.12 12.94
C LYS B 9 30.59 -10.49 12.32
N GLU B 10 31.05 -11.53 13.01
CA GLU B 10 30.97 -12.91 12.52
C GLU B 10 29.57 -13.32 12.06
N VAL B 11 28.58 -13.12 12.93
CA VAL B 11 27.22 -13.55 12.60
C VAL B 11 26.56 -12.64 11.56
N VAL B 12 26.93 -11.37 11.54
CA VAL B 12 26.37 -10.42 10.57
C VAL B 12 26.82 -10.68 9.13
N GLU B 13 28.08 -11.11 8.98
CA GLU B 13 28.63 -11.35 7.65
C GLU B 13 28.37 -12.78 7.17
N ASN B 14 27.90 -13.64 8.05
CA ASN B 14 27.67 -15.05 7.71
C ASN B 14 26.47 -15.63 8.44
N PRO B 15 25.27 -15.12 8.11
CA PRO B 15 24.03 -15.46 8.84
C PRO B 15 23.63 -16.93 8.68
N ASN B 16 23.85 -17.50 7.50
CA ASN B 16 23.46 -18.89 7.25
C ASN B 16 24.18 -19.88 8.16
N ALA B 17 25.46 -19.61 8.42
CA ALA B 17 26.26 -20.44 9.31
C ALA B 17 25.73 -20.37 10.75
N ALA B 18 25.31 -19.18 11.16
CA ALA B 18 24.76 -18.98 12.50
C ALA B 18 23.46 -19.73 12.71
N VAL B 19 22.64 -19.83 11.66
CA VAL B 19 21.34 -20.51 11.75
C VAL B 19 21.51 -22.02 11.87
N LYS B 20 22.36 -22.60 11.03
CA LYS B 20 22.64 -24.03 11.10
C LYS B 20 23.19 -24.42 12.48
N LYS B 21 24.03 -23.55 13.03
CA LYS B 21 24.64 -23.77 14.34
C LYS B 21 23.58 -23.88 15.42
N TYR B 22 22.57 -23.02 15.36
CA TYR B 22 21.49 -23.03 16.34
C TYR B 22 20.67 -24.33 16.22
N LYS B 23 20.45 -24.77 14.99
CA LYS B 23 19.69 -26.00 14.77
C LYS B 23 20.44 -27.24 15.28
N SER B 24 21.75 -27.28 15.09
CA SER B 24 22.55 -28.42 15.53
C SER B 24 22.64 -28.53 17.05
N GLU B 25 22.90 -27.39 17.71
CA GLU B 25 23.06 -27.36 19.16
C GLU B 25 21.75 -27.57 19.93
N THR B 26 20.69 -26.88 19.51
CA THR B 26 19.40 -26.93 20.22
C THR B 26 18.48 -28.07 19.76
N GLY B 27 18.55 -28.41 18.47
CA GLY B 27 17.61 -29.36 17.90
C GLY B 27 16.24 -28.75 17.63
N LYS B 28 16.16 -27.42 17.71
CA LYS B 28 14.94 -26.69 17.40
C LYS B 28 15.06 -25.93 16.07
N LYS B 29 13.97 -25.34 15.59
CA LYS B 29 13.93 -24.70 14.27
C LYS B 29 14.08 -23.16 14.28
N ALA B 30 14.24 -22.58 13.09
CA ALA B 30 14.30 -21.11 12.91
C ALA B 30 13.18 -20.56 12.00
N ILE B 31 12.63 -19.41 12.37
CA ILE B 31 11.56 -18.74 11.60
C ILE B 31 11.96 -17.32 11.18
N GLY B 32 11.78 -16.98 9.91
CA GLY B 32 12.10 -15.66 9.41
C GLY B 32 11.02 -14.60 9.66
N CYS B 33 11.45 -13.39 9.99
CA CYS B 33 10.52 -12.26 10.19
C CYS B 33 10.80 -11.10 9.23
N PHE B 34 9.89 -10.87 8.28
CA PHE B 34 10.02 -9.78 7.31
C PHE B 34 9.80 -8.37 7.92
N PRO B 35 10.33 -7.34 7.24
CA PRO B 35 10.54 -5.96 7.75
C PRO B 35 9.44 -5.29 8.56
N VAL B 36 9.90 -4.26 9.26
CA VAL B 36 9.17 -3.56 10.30
C VAL B 36 8.70 -4.45 11.47
N TYR B 37 7.41 -4.82 11.56
CA TYR B 37 6.93 -5.44 12.82
C TYR B 37 6.38 -6.90 12.76
N CYS B 38 6.99 -7.80 13.53
CA CYS B 38 6.47 -9.14 13.79
C CYS B 38 6.39 -9.42 15.29
N PRO B 39 5.54 -10.37 15.71
CA PRO B 39 5.49 -10.70 17.15
C PRO B 39 6.51 -11.77 17.56
N GLU B 40 7.80 -11.37 17.66
CA GLU B 40 8.90 -12.31 17.95
C GLU B 40 8.70 -13.11 19.25
N GLU B 41 8.04 -12.50 20.22
CA GLU B 41 7.83 -13.16 21.51
C GLU B 41 7.19 -14.56 21.38
N ILE B 42 6.27 -14.73 20.42
CA ILE B 42 5.61 -16.04 20.23
C ILE B 42 6.56 -17.12 19.71
N ILE B 43 7.37 -16.77 18.71
CA ILE B 43 8.39 -17.68 18.18
C ILE B 43 9.38 -18.04 19.28
N HIS B 44 9.86 -17.02 19.98
CA HIS B 44 10.80 -17.18 21.08
C HIS B 44 10.25 -18.17 22.13
N ALA B 45 8.98 -18.01 22.51
CA ALA B 45 8.41 -18.84 23.58
C ALA B 45 8.39 -20.33 23.27
N ALA B 46 8.42 -20.67 21.97
CA ALA B 46 8.44 -22.07 21.54
C ALA B 46 9.84 -22.69 21.55
N GLY B 47 10.84 -21.89 21.95
CA GLY B 47 12.22 -22.35 21.89
C GLY B 47 12.84 -22.22 20.50
N MET B 48 12.18 -21.50 19.61
CA MET B 48 12.69 -21.30 18.25
C MET B 48 13.51 -20.01 18.13
N LEU B 49 14.22 -19.84 17.00
CA LEU B 49 15.02 -18.63 16.76
C LEU B 49 14.39 -17.69 15.72
N PRO B 50 14.01 -16.48 16.13
CA PRO B 50 13.46 -15.45 15.24
C PRO B 50 14.53 -14.69 14.44
N VAL B 51 14.61 -14.94 13.13
CA VAL B 51 15.64 -14.35 12.27
C VAL B 51 15.10 -13.19 11.42
N GLY B 52 15.72 -12.02 11.53
CA GLY B 52 15.29 -10.84 10.78
C GLY B 52 15.73 -10.85 9.33
N ILE B 53 14.88 -10.37 8.43
CA ILE B 53 15.16 -10.39 7.00
C ILE B 53 15.04 -9.00 6.38
N TRP B 54 16.17 -8.45 5.94
CA TRP B 54 16.22 -7.05 5.50
C TRP B 54 16.90 -6.83 4.14
N GLY B 55 16.75 -7.77 3.21
CA GLY B 55 17.35 -7.63 1.90
C GLY B 55 18.87 -7.81 1.89
N GLY B 56 19.53 -7.11 0.97
CA GLY B 56 20.98 -7.18 0.83
C GLY B 56 21.44 -6.67 -0.52
N GLN B 57 22.74 -6.48 -0.70
CA GLN B 57 23.28 -5.95 -1.95
C GLN B 57 23.40 -7.04 -3.02
N THR B 58 22.49 -7.04 -3.97
CA THR B 58 22.49 -8.05 -5.03
C THR B 58 21.94 -7.52 -6.35
N GLU B 59 22.41 -8.07 -7.46
CA GLU B 59 21.83 -7.76 -8.76
C GLU B 59 20.57 -8.60 -8.93
N LEU B 60 19.66 -8.16 -9.81
CA LEU B 60 18.39 -8.84 -10.04
C LEU B 60 18.39 -9.70 -11.30
N ASP B 61 17.74 -10.86 -11.22
CA ASP B 61 17.69 -11.80 -12.33
C ASP B 61 16.39 -12.60 -12.32
N LEU B 62 16.29 -13.55 -11.39
CA LEU B 62 15.10 -14.39 -11.27
C LEU B 62 13.85 -13.58 -10.91
N ALA B 63 14.03 -12.50 -10.17
CA ALA B 63 12.89 -11.70 -9.71
C ALA B 63 12.14 -11.04 -10.86
N LYS B 64 12.79 -10.89 -12.00
CA LYS B 64 12.18 -10.18 -13.14
C LYS B 64 10.99 -10.94 -13.74
N GLN B 65 10.81 -12.20 -13.34
CA GLN B 65 9.65 -12.96 -13.79
C GLN B 65 8.38 -12.62 -13.01
N TYR B 66 8.53 -11.89 -11.90
CA TYR B 66 7.41 -11.64 -10.99
C TYR B 66 7.12 -10.15 -10.70
N PHE B 67 8.16 -9.30 -10.68
CA PHE B 67 8.00 -7.85 -10.47
C PHE B 67 8.50 -7.06 -11.69
N PRO B 68 7.83 -5.94 -12.01
CA PRO B 68 8.37 -4.94 -12.94
C PRO B 68 9.40 -4.07 -12.21
N ALA B 69 10.05 -3.15 -12.92
CA ALA B 69 11.17 -2.39 -12.35
C ALA B 69 10.84 -1.45 -11.19
N PHE B 70 9.57 -1.09 -11.02
CA PHE B 70 9.23 -0.04 -10.06
C PHE B 70 8.75 -0.50 -8.68
N ALA B 71 9.07 -1.73 -8.31
CA ALA B 71 8.89 -2.19 -6.93
C ALA B 71 10.11 -1.77 -6.09
N CYS B 72 9.91 -1.51 -4.80
CA CYS B 72 10.97 -0.96 -3.95
C CYS B 72 12.21 -1.86 -3.90
N SER B 73 13.38 -1.23 -3.80
CA SER B 73 14.65 -1.96 -3.83
C SER B 73 14.72 -3.11 -2.82
N ILE B 74 14.42 -2.83 -1.56
CA ILE B 74 14.54 -3.86 -0.53
C ILE B 74 13.73 -5.13 -0.83
N MET B 75 12.50 -4.98 -1.32
CA MET B 75 11.68 -6.15 -1.61
C MET B 75 12.14 -6.88 -2.88
N GLN B 76 12.70 -6.15 -3.82
CA GLN B 76 13.30 -6.80 -4.99
C GLN B 76 14.41 -7.74 -4.53
N SER B 77 15.27 -7.26 -3.62
CA SER B 77 16.33 -8.10 -3.07
C SER B 77 15.79 -9.34 -2.34
N CYS B 78 14.80 -9.16 -1.47
CA CYS B 78 14.27 -10.27 -0.69
C CYS B 78 13.73 -11.38 -1.60
N LEU B 79 13.06 -11.03 -2.68
CA LEU B 79 12.51 -12.03 -3.60
C LEU B 79 13.60 -12.81 -4.34
N GLU B 80 14.61 -12.09 -4.83
CA GLU B 80 15.74 -12.71 -5.54
C GLU B 80 16.43 -13.77 -4.66
N TYR B 81 16.73 -13.40 -3.42
CA TYR B 81 17.35 -14.34 -2.48
C TYR B 81 16.45 -15.57 -2.30
N GLY B 82 15.17 -15.33 -2.03
CA GLY B 82 14.19 -16.40 -1.89
C GLY B 82 14.17 -17.36 -3.07
N LEU B 83 14.11 -16.82 -4.27
CA LEU B 83 14.09 -17.65 -5.49
C LEU B 83 15.43 -18.36 -5.74
N LYS B 84 16.53 -17.80 -5.24
CA LYS B 84 17.84 -18.41 -5.41
C LYS B 84 18.12 -19.49 -4.36
N GLY B 85 17.32 -19.51 -3.31
CA GLY B 85 17.39 -20.56 -2.30
C GLY B 85 18.12 -20.17 -1.02
N ALA B 86 18.36 -18.88 -0.84
CA ALA B 86 19.20 -18.41 0.27
C ALA B 86 18.56 -18.52 1.65
N TYR B 87 17.24 -18.74 1.69
CA TYR B 87 16.49 -18.82 2.94
C TYR B 87 16.06 -20.26 3.29
N ASP B 88 16.54 -21.24 2.53
CA ASP B 88 16.09 -22.64 2.65
C ASP B 88 16.29 -23.32 4.02
N GLU B 89 17.17 -22.78 4.86
CA GLU B 89 17.38 -23.34 6.19
C GLU B 89 16.25 -22.98 7.15
N LEU B 90 15.35 -22.09 6.72
CA LEU B 90 14.24 -21.66 7.56
C LEU B 90 13.03 -22.58 7.41
N SER B 91 12.28 -22.76 8.50
CA SER B 91 11.10 -23.63 8.50
C SER B 91 9.81 -22.90 8.14
N GLY B 92 9.89 -21.59 7.95
CA GLY B 92 8.75 -20.77 7.54
C GLY B 92 9.07 -19.28 7.66
N VAL B 93 8.17 -18.43 7.15
CA VAL B 93 8.33 -16.97 7.21
C VAL B 93 7.03 -16.24 7.48
N ILE B 94 7.11 -15.20 8.30
CA ILE B 94 5.98 -14.30 8.53
C ILE B 94 6.15 -13.05 7.65
N ILE B 95 5.16 -12.81 6.78
CA ILE B 95 5.19 -11.64 5.89
C ILE B 95 3.97 -10.74 6.10
N PRO B 96 4.10 -9.74 6.98
CA PRO B 96 2.98 -8.87 7.36
C PRO B 96 2.51 -7.98 6.20
N GLY B 97 1.20 -7.89 6.01
CA GLY B 97 0.63 -7.09 4.93
C GLY B 97 0.54 -5.58 5.19
N MET B 98 1.69 -4.95 5.48
CA MET B 98 1.72 -3.54 5.88
C MET B 98 1.53 -2.52 4.74
N CYS B 99 1.80 -2.94 3.51
CA CYS B 99 1.67 -2.05 2.34
C CYS B 99 1.40 -2.86 1.07
N ASP B 100 1.04 -2.18 -0.02
CA ASP B 100 0.71 -2.87 -1.26
C ASP B 100 1.82 -3.85 -1.69
N THR B 101 3.07 -3.46 -1.51
CA THR B 101 4.20 -4.26 -1.99
C THR B 101 4.46 -5.54 -1.15
N LEU B 102 4.35 -5.44 0.18
CA LEU B 102 4.45 -6.64 1.02
C LEU B 102 3.28 -7.59 0.77
N ILE B 103 2.10 -7.03 0.48
CA ILE B 103 0.92 -7.85 0.17
C ILE B 103 1.13 -8.69 -1.11
N CYS B 104 1.60 -8.04 -2.17
CA CYS B 104 1.88 -8.71 -3.43
CA CYS B 104 1.89 -8.70 -3.42
C CYS B 104 3.04 -9.71 -3.31
N LEU B 105 3.97 -9.47 -2.41
CA LEU B 105 5.09 -10.41 -2.25
C LEU B 105 4.62 -11.72 -1.64
N GLY B 106 3.87 -11.65 -0.55
CA GLY B 106 3.26 -12.84 0.02
C GLY B 106 2.49 -13.68 -1.00
N GLN B 107 1.73 -13.04 -1.88
CA GLN B 107 0.89 -13.77 -2.83
C GLN B 107 1.68 -14.48 -3.92
N ASN B 108 2.75 -13.86 -4.41
CA ASN B 108 3.64 -14.51 -5.37
C ASN B 108 4.43 -15.67 -4.71
N TRP B 109 4.82 -15.45 -3.46
CA TRP B 109 5.60 -16.42 -2.68
C TRP B 109 4.91 -17.78 -2.66
N LYS B 110 3.58 -17.77 -2.50
CA LYS B 110 2.80 -19.00 -2.40
C LYS B 110 3.03 -19.98 -3.54
N SER B 111 3.28 -19.47 -4.74
CA SER B 111 3.47 -20.38 -5.88
C SER B 111 4.91 -20.43 -6.37
N ALA B 112 5.72 -19.47 -5.93
CA ALA B 112 7.10 -19.36 -6.39
C ALA B 112 8.11 -20.04 -5.46
N VAL B 113 7.78 -20.10 -4.17
CA VAL B 113 8.64 -20.72 -3.17
C VAL B 113 7.82 -21.67 -2.30
N PRO B 114 7.30 -22.75 -2.92
CA PRO B 114 6.36 -23.70 -2.31
C PRO B 114 6.88 -24.36 -1.03
N HIS B 115 8.19 -24.55 -0.94
CA HIS B 115 8.79 -25.32 0.16
C HIS B 115 9.00 -24.54 1.47
N ILE B 116 8.68 -23.24 1.47
CA ILE B 116 8.80 -22.44 2.69
C ILE B 116 7.46 -21.81 3.10
N LYS B 117 6.80 -22.44 4.06
CA LYS B 117 5.47 -22.03 4.52
C LYS B 117 5.36 -20.53 4.83
N TYR B 118 4.35 -19.88 4.23
CA TYR B 118 4.06 -18.45 4.41
C TYR B 118 2.93 -18.24 5.43
N ILE B 119 3.24 -17.53 6.51
CA ILE B 119 2.26 -17.26 7.57
C ILE B 119 1.75 -15.81 7.47
N SER B 120 0.45 -15.67 7.27
CA SER B 120 -0.18 -14.36 7.03
C SER B 120 -0.44 -13.55 8.31
N LEU B 121 -0.36 -12.23 8.20
CA LEU B 121 -0.63 -11.33 9.32
C LEU B 121 -0.88 -9.90 8.80
N VAL B 122 -2.03 -9.32 9.16
CA VAL B 122 -2.36 -7.93 8.78
C VAL B 122 -2.76 -7.07 9.99
N HIS B 123 -1.89 -6.13 10.37
CA HIS B 123 -2.15 -5.21 11.48
C HIS B 123 -3.27 -4.22 11.13
N PRO B 124 -4.15 -3.91 12.10
CA PRO B 124 -5.27 -2.98 11.90
C PRO B 124 -4.84 -1.50 11.83
N GLN B 125 -5.53 -0.70 11.02
CA GLN B 125 -5.25 0.74 11.00
C GLN B 125 -5.91 1.41 12.21
N ASN B 126 -7.16 1.06 12.48
CA ASN B 126 -7.89 1.60 13.64
C ASN B 126 -7.38 0.95 14.92
N ARG B 127 -6.10 1.17 15.22
CA ARG B 127 -5.41 0.43 16.28
C ARG B 127 -5.76 0.84 17.70
N LYS B 128 -6.38 2.00 17.86
CA LYS B 128 -6.73 2.50 19.19
C LYS B 128 -8.18 2.18 19.61
N LEU B 129 -9.00 1.77 18.66
CA LEU B 129 -10.35 1.31 18.98
C LEU B 129 -10.28 -0.03 19.71
N GLU B 130 -11.11 -0.19 20.73
CA GLU B 130 -11.15 -1.44 21.48
C GLU B 130 -11.43 -2.61 20.53
N ALA B 131 -12.22 -2.33 19.49
CA ALA B 131 -12.54 -3.35 18.49
C ALA B 131 -11.33 -3.75 17.65
N GLY B 132 -10.40 -2.83 17.46
CA GLY B 132 -9.18 -3.13 16.73
C GLY B 132 -8.23 -4.02 17.52
N VAL B 133 -8.19 -3.83 18.84
CA VAL B 133 -7.36 -4.67 19.70
C VAL B 133 -7.85 -6.11 19.61
N LYS B 134 -9.16 -6.30 19.73
CA LYS B 134 -9.77 -7.62 19.65
C LYS B 134 -9.41 -8.35 18.35
N TYR B 135 -9.50 -7.65 17.23
CA TYR B 135 -9.16 -8.22 15.94
C TYR B 135 -7.71 -8.72 15.89
N LEU B 136 -6.78 -7.89 16.33
CA LEU B 136 -5.36 -8.27 16.33
C LEU B 136 -5.10 -9.51 17.20
N ILE B 137 -5.83 -9.64 18.29
CA ILE B 137 -5.71 -10.84 19.13
C ILE B 137 -6.07 -12.10 18.35
N SER B 138 -7.10 -12.02 17.52
CA SER B 138 -7.49 -13.13 16.67
C SER B 138 -6.44 -13.43 15.60
N GLU B 139 -5.84 -12.39 15.03
CA GLU B 139 -4.75 -12.54 14.06
C GLU B 139 -3.55 -13.27 14.67
N TYR B 140 -3.20 -12.90 15.90
CA TYR B 140 -2.09 -13.54 16.64
C TYR B 140 -2.41 -15.00 17.03
N LYS B 141 -3.68 -15.32 17.26
CA LYS B 141 -4.08 -16.71 17.50
C LYS B 141 -3.85 -17.59 16.27
N GLY B 142 -4.05 -17.00 15.09
CA GLY B 142 -3.78 -17.69 13.85
C GLY B 142 -2.30 -18.00 13.73
N VAL B 143 -1.46 -16.99 13.94
CA VAL B 143 0.00 -17.16 13.91
C VAL B 143 0.45 -18.28 14.86
N LYS B 144 -0.07 -18.27 16.08
CA LYS B 144 0.24 -19.30 17.07
C LYS B 144 -0.15 -20.69 16.56
N ARG B 145 -1.34 -20.80 15.99
CA ARG B 145 -1.83 -22.07 15.45
C ARG B 145 -0.88 -22.62 14.39
N GLU B 146 -0.45 -21.76 13.46
CA GLU B 146 0.41 -22.21 12.36
C GLU B 146 1.86 -22.51 12.80
N LEU B 147 2.31 -21.87 13.87
CA LEU B 147 3.64 -22.16 14.43
C LEU B 147 3.65 -23.54 15.09
N GLU B 148 2.54 -23.90 15.70
CA GLU B 148 2.37 -25.22 16.31
C GLU B 148 2.28 -26.33 15.27
N GLU B 149 1.64 -26.05 14.13
CA GLU B 149 1.62 -27.00 13.01
C GLU B 149 3.04 -27.34 12.58
N ILE B 150 3.91 -26.34 12.59
CA ILE B 150 5.30 -26.51 12.17
C ILE B 150 6.20 -27.25 13.17
N CYS B 151 6.10 -26.90 14.45
CA CYS B 151 7.05 -27.42 15.44
C CYS B 151 6.64 -28.76 16.04
N GLY B 152 5.34 -28.98 16.21
CA GLY B 152 4.82 -30.26 16.66
C GLY B 152 4.59 -30.37 18.15
N TYR B 153 4.36 -29.23 18.79
CA TYR B 153 4.03 -29.22 20.22
C TYR B 153 3.40 -27.88 20.61
N GLU B 154 2.76 -27.85 21.78
CA GLU B 154 2.03 -26.67 22.22
C GLU B 154 2.93 -25.56 22.74
N ILE B 155 2.56 -24.32 22.47
CA ILE B 155 3.24 -23.17 23.07
C ILE B 155 2.41 -22.66 24.23
N GLU B 156 2.99 -22.72 25.43
CA GLU B 156 2.23 -22.50 26.67
C GLU B 156 2.12 -21.02 27.07
N GLU B 157 0.96 -20.66 27.61
CA GLU B 157 0.70 -19.27 28.01
C GLU B 157 1.78 -18.72 28.93
N ALA B 158 2.16 -19.50 29.95
CA ALA B 158 3.16 -19.07 30.90
C ALA B 158 4.48 -18.67 30.23
N LYS B 159 4.83 -19.38 29.15
CA LYS B 159 6.10 -19.13 28.46
C LYS B 159 6.06 -17.84 27.65
N ILE B 160 4.91 -17.51 27.10
CA ILE B 160 4.77 -16.27 26.36
C ILE B 160 5.00 -15.06 27.28
N HIS B 161 4.44 -15.10 28.50
CA HIS B 161 4.68 -14.04 29.47
C HIS B 161 6.18 -13.92 29.75
N GLU B 162 6.83 -15.07 29.93
CA GLU B 162 8.27 -15.16 30.20
C GLU B 162 9.13 -14.51 29.10
N SER B 163 8.79 -14.80 27.86
CA SER B 163 9.51 -14.21 26.72
C SER B 163 9.27 -12.69 26.62
N ILE B 164 8.15 -12.21 27.18
CA ILE B 164 7.82 -10.78 27.13
C ILE B 164 8.69 -9.94 28.09
N GLU B 165 8.94 -10.46 29.28
CA GLU B 165 9.84 -9.81 30.22
C GLU B 165 11.26 -9.79 29.65
N VAL B 166 11.64 -10.87 28.99
CA VAL B 166 12.94 -10.96 28.33
C VAL B 166 13.10 -9.88 27.27
N TYR B 167 12.07 -9.68 26.46
CA TYR B 167 12.14 -8.69 25.39
C TYR B 167 12.13 -7.24 25.90
N ASN B 168 11.33 -6.95 26.92
CA ASN B 168 11.34 -5.64 27.55
C ASN B 168 12.71 -5.32 28.17
N GLU B 169 13.37 -6.35 28.71
CA GLU B 169 14.71 -6.20 29.28
C GLU B 169 15.70 -5.76 28.19
N HIS B 170 15.60 -6.40 27.03
CA HIS B 170 16.48 -6.09 25.91
C HIS B 170 16.24 -4.68 25.37
N ARG B 171 14.98 -4.25 25.36
CA ARG B 171 14.65 -2.91 24.89
C ARG B 171 15.27 -1.85 25.81
N LYS B 172 15.13 -2.03 27.12
CA LYS B 172 15.72 -1.14 28.11
C LYS B 172 17.24 -1.03 27.93
N THR B 173 17.89 -2.15 27.63
CA THR B 173 19.34 -2.18 27.49
C THR B 173 19.83 -1.46 26.23
N MET B 174 19.13 -1.65 25.12
CA MET B 174 19.47 -0.95 23.88
C MET B 174 19.32 0.57 24.03
N ARG B 175 18.32 0.99 24.79
CA ARG B 175 18.13 2.42 25.07
C ARG B 175 19.28 2.96 25.91
N ASP B 176 19.88 2.11 26.74
CA ASP B 176 21.05 2.48 27.54
C ASP B 176 22.26 2.69 26.64
N PHE B 177 22.39 1.85 25.63
CA PHE B 177 23.51 1.93 24.69
C PHE B 177 23.42 3.22 23.89
N VAL B 178 22.19 3.60 23.52
CA VAL B 178 21.99 4.84 22.78
C VAL B 178 22.55 6.05 23.54
N GLU B 179 22.33 6.12 24.85
CA GLU B 179 22.82 7.24 25.65
C GLU B 179 24.34 7.23 25.81
N VAL B 180 24.90 6.06 26.10
CA VAL B 180 26.34 5.94 26.29
C VAL B 180 27.08 6.28 24.99
N ALA B 181 26.56 5.80 23.87
CA ALA B 181 27.17 6.07 22.57
C ALA B 181 27.20 7.57 22.27
N TYR B 182 26.13 8.26 22.64
CA TYR B 182 26.05 9.71 22.50
C TYR B 182 27.11 10.41 23.35
N LYS B 183 27.50 9.80 24.46
CA LYS B 183 28.51 10.37 25.37
C LYS B 183 29.96 10.02 24.98
N HIS B 184 30.11 9.15 23.99
CA HIS B 184 31.45 8.77 23.50
C HIS B 184 31.42 8.73 21.97
N SER B 185 31.19 9.90 21.38
CA SER B 185 30.89 10.02 19.95
C SER B 185 32.10 9.89 19.02
N ASN B 186 33.30 10.05 19.57
CA ASN B 186 34.51 9.95 18.77
C ASN B 186 34.95 8.50 18.61
N THR B 187 34.81 7.73 19.69
CA THR B 187 35.14 6.31 19.70
C THR B 187 34.14 5.45 18.93
N ILE B 188 32.85 5.76 19.07
CA ILE B 188 31.79 4.97 18.41
C ILE B 188 31.41 5.54 17.04
N LYS B 189 32.07 5.06 15.99
CA LYS B 189 31.79 5.52 14.63
C LYS B 189 30.47 4.95 14.12
N PRO B 190 29.94 5.55 13.04
CA PRO B 190 28.71 5.04 12.40
C PRO B 190 28.75 3.54 12.08
N SER B 191 29.88 2.99 11.67
CA SER B 191 29.94 1.57 11.32
C SER B 191 29.81 0.67 12.55
N ILE B 192 30.31 1.15 13.69
CA ILE B 192 30.28 0.37 14.92
C ILE B 192 28.90 0.43 15.57
N ARG B 193 28.27 1.61 15.50
CA ARG B 193 26.93 1.82 16.04
C ARG B 193 25.93 0.90 15.34
N SER B 194 26.03 0.82 14.02
CA SER B 194 25.14 -0.05 13.24
C SER B 194 25.33 -1.54 13.55
N LEU B 195 26.59 -1.97 13.65
CA LEU B 195 26.90 -3.37 13.92
C LEU B 195 26.34 -3.84 15.27
N VAL B 196 26.52 -3.02 16.29
CA VAL B 196 26.03 -3.33 17.63
C VAL B 196 24.52 -3.61 17.63
N ILE B 197 23.76 -2.78 16.91
CA ILE B 197 22.30 -2.91 16.86
C ILE B 197 21.85 -4.04 15.93
N LYS B 198 22.37 -4.05 14.70
CA LYS B 198 21.95 -5.02 13.70
C LYS B 198 22.21 -6.48 14.12
N SER B 199 23.22 -6.69 14.95
CA SER B 199 23.58 -8.03 15.38
C SER B 199 22.47 -8.70 16.21
N GLY B 200 21.51 -7.90 16.67
CA GLY B 200 20.41 -8.41 17.47
C GLY B 200 19.36 -9.19 16.69
N PHE B 201 19.47 -9.18 15.37
CA PHE B 201 18.57 -9.93 14.51
C PHE B 201 19.01 -11.38 14.28
N PHE B 202 20.21 -11.74 14.75
CA PHE B 202 20.79 -13.05 14.41
C PHE B 202 21.19 -13.94 15.58
N MET B 203 20.68 -13.63 16.78
CA MET B 203 20.90 -14.47 17.96
C MET B 203 19.74 -14.29 18.94
N ARG B 204 19.61 -15.18 19.92
CA ARG B 204 18.57 -15.06 20.95
C ARG B 204 18.78 -13.76 21.75
N LYS B 205 17.69 -13.02 21.97
CA LYS B 205 17.78 -11.70 22.64
C LYS B 205 18.52 -11.73 23.98
N GLU B 206 18.37 -12.82 24.73
CA GLU B 206 19.03 -12.93 26.04
C GLU B 206 20.55 -12.95 25.94
N GLU B 207 21.07 -13.50 24.84
CA GLU B 207 22.50 -13.49 24.57
C GLU B 207 22.98 -12.09 24.18
N HIS B 208 22.24 -11.45 23.27
CA HIS B 208 22.56 -10.11 22.82
C HIS B 208 22.62 -9.15 24.02
N THR B 209 21.69 -9.33 24.96
CA THR B 209 21.62 -8.50 26.15
C THR B 209 22.90 -8.54 26.97
N GLU B 210 23.38 -9.73 27.30
CA GLU B 210 24.61 -9.83 28.09
C GLU B 210 25.80 -9.17 27.38
N LEU B 211 25.88 -9.31 26.06
CA LEU B 211 26.95 -8.68 25.29
C LEU B 211 26.94 -7.15 25.39
N VAL B 212 25.77 -6.55 25.17
CA VAL B 212 25.68 -5.09 25.17
C VAL B 212 25.95 -4.50 26.55
N LYS B 213 25.51 -5.19 27.60
CA LYS B 213 25.79 -4.73 28.96
C LYS B 213 27.30 -4.67 29.21
N ASP B 214 28.02 -5.67 28.70
CA ASP B 214 29.46 -5.73 28.84
C ASP B 214 30.10 -4.51 28.19
N LEU B 215 29.72 -4.25 26.95
CA LEU B 215 30.26 -3.11 26.20
C LEU B 215 29.94 -1.77 26.87
N ILE B 216 28.70 -1.64 27.33
CA ILE B 216 28.29 -0.46 28.09
C ILE B 216 29.21 -0.27 29.31
N ALA B 217 29.49 -1.36 30.01
CA ALA B 217 30.36 -1.29 31.19
C ALA B 217 31.77 -0.80 30.81
N LYS B 218 32.29 -1.32 29.70
CA LYS B 218 33.62 -0.91 29.22
C LYS B 218 33.67 0.55 28.78
N LEU B 219 32.56 1.04 28.22
CA LEU B 219 32.49 2.42 27.73
C LEU B 219 32.36 3.45 28.86
N ASN B 220 31.55 3.14 29.87
CA ASN B 220 31.43 4.01 31.02
C ASN B 220 32.73 4.17 31.81
N ALA B 221 33.65 3.22 31.66
CA ALA B 221 34.95 3.29 32.32
C ALA B 221 35.93 4.16 31.54
N MET B 222 35.42 4.84 30.52
CA MET B 222 36.22 5.76 29.71
C MET B 222 35.66 7.17 29.83
N PRO B 223 36.52 8.19 29.75
CA PRO B 223 36.08 9.58 29.88
C PRO B 223 35.06 9.97 28.83
N GLU B 224 34.06 10.76 29.19
CA GLU B 224 33.08 11.25 28.21
C GLU B 224 33.80 12.10 27.18
N GLU B 225 33.24 12.18 25.97
CA GLU B 225 33.95 12.77 24.85
C GLU B 225 33.29 14.02 24.27
N VAL B 226 34.12 14.98 23.88
CA VAL B 226 33.67 16.17 23.18
C VAL B 226 33.77 15.92 21.68
N CYS B 227 32.63 15.83 21.01
CA CYS B 227 32.60 15.53 19.59
C CYS B 227 33.53 16.47 18.81
N SER B 228 34.34 15.89 17.92
CA SER B 228 35.29 16.69 17.15
C SER B 228 34.73 17.12 15.80
N GLY B 229 33.62 16.52 15.40
CA GLY B 229 33.01 16.83 14.11
C GLY B 229 31.57 17.30 14.23
N LYS B 230 30.70 16.79 13.36
CA LYS B 230 29.29 17.18 13.36
C LYS B 230 28.37 16.00 13.74
N LYS B 231 27.26 16.31 14.38
CA LYS B 231 26.31 15.31 14.88
C LYS B 231 25.02 15.28 14.05
N VAL B 232 24.51 14.08 13.77
CA VAL B 232 23.31 13.93 12.94
C VAL B 232 22.32 12.88 13.43
N LEU B 233 21.07 13.00 12.99
CA LEU B 233 20.05 11.98 13.22
C LEU B 233 19.58 11.45 11.87
N LEU B 234 19.50 10.13 11.72
CA LEU B 234 19.07 9.52 10.46
C LEU B 234 17.64 8.99 10.56
N THR B 235 16.83 9.21 9.52
CA THR B 235 15.42 8.76 9.50
C THR B 235 15.06 8.09 8.18
N GLY B 236 14.27 7.01 8.25
CA GLY B 236 13.92 6.24 7.05
C GLY B 236 13.79 4.74 7.32
N ILE B 237 13.84 3.92 6.25
CA ILE B 237 13.76 2.47 6.41
C ILE B 237 15.05 1.87 7.00
N LEU B 238 16.18 2.09 6.32
CA LEU B 238 17.47 1.56 6.78
C LEU B 238 18.70 2.25 6.17
N ALA B 239 19.85 2.09 6.84
CA ALA B 239 21.11 2.61 6.32
C ALA B 239 22.29 1.77 6.85
N ASP B 240 22.44 0.57 6.34
CA ASP B 240 23.44 -0.38 6.85
C ASP B 240 24.57 -0.75 5.89
N SER B 241 24.59 -0.16 4.69
CA SER B 241 25.64 -0.49 3.73
C SER B 241 27.00 0.10 4.09
N LYS B 242 28.07 -0.66 3.89
CA LYS B 242 29.41 -0.18 4.19
C LYS B 242 29.70 1.13 3.43
N ASP B 243 29.24 1.19 2.19
CA ASP B 243 29.45 2.36 1.34
C ASP B 243 29.02 3.68 1.99
N ILE B 244 27.75 3.79 2.34
CA ILE B 244 27.21 5.04 2.90
C ILE B 244 27.84 5.40 4.25
N LEU B 245 28.18 4.39 5.03
CA LEU B 245 28.77 4.61 6.36
C LEU B 245 30.23 5.06 6.32
N ASP B 246 30.99 4.61 5.31
CA ASP B 246 32.36 5.07 5.13
C ASP B 246 32.39 6.54 4.72
N ILE B 247 31.44 6.93 3.88
CA ILE B 247 31.30 8.32 3.42
C ILE B 247 31.01 9.25 4.59
N LEU B 248 30.13 8.82 5.48
CA LEU B 248 29.86 9.59 6.69
C LEU B 248 31.17 9.84 7.45
N GLU B 249 31.89 8.76 7.74
CA GLU B 249 33.14 8.87 8.50
C GLU B 249 34.17 9.75 7.80
N ASP B 250 34.25 9.67 6.47
CA ASP B 250 35.20 10.47 5.69
C ASP B 250 35.04 11.97 5.93
N ASN B 251 33.82 12.38 6.28
CA ASN B 251 33.54 13.79 6.54
C ASN B 251 33.48 14.10 8.04
N ASN B 252 33.93 13.16 8.85
CA ASN B 252 33.90 13.28 10.31
C ASN B 252 32.52 13.60 10.86
N ILE B 253 31.50 12.90 10.34
CA ILE B 253 30.13 13.03 10.83
C ILE B 253 29.79 11.89 11.79
N SER B 254 29.14 12.21 12.90
CA SER B 254 28.79 11.21 13.91
C SER B 254 27.27 11.00 14.03
N VAL B 255 26.85 9.74 14.11
CA VAL B 255 25.43 9.40 14.29
C VAL B 255 25.13 9.16 15.77
N VAL B 256 24.34 10.05 16.38
CA VAL B 256 24.06 9.94 17.82
C VAL B 256 22.57 9.70 18.17
N ALA B 257 21.76 9.49 17.13
CA ALA B 257 20.33 9.16 17.30
C ALA B 257 19.69 8.77 15.96
N ASP B 258 18.56 8.07 16.01
CA ASP B 258 17.92 7.64 14.77
C ASP B 258 16.41 7.38 14.85
N ASP B 259 15.77 7.46 13.69
CA ASP B 259 14.38 7.08 13.48
C ASP B 259 14.34 6.12 12.28
N LEU B 260 15.19 5.09 12.33
CA LEU B 260 15.25 4.08 11.28
C LEU B 260 14.41 2.86 11.67
N ALA B 261 13.66 2.33 10.71
CA ALA B 261 12.81 1.16 10.95
C ALA B 261 13.61 -0.07 11.41
N GLN B 262 14.82 -0.22 10.88
CA GLN B 262 15.69 -1.35 11.24
C GLN B 262 16.34 -1.17 12.62
N GLU B 263 16.36 0.06 13.12
CA GLU B 263 17.06 0.34 14.38
C GLU B 263 16.13 0.74 15.54
N THR B 264 16.13 2.02 15.93
CA THR B 264 15.42 2.45 17.14
C THR B 264 13.87 2.28 17.14
N ARG B 265 13.25 2.20 15.96
CA ARG B 265 11.81 1.94 15.90
C ARG B 265 11.45 0.59 16.55
N GLN B 266 12.40 -0.34 16.55
CA GLN B 266 12.20 -1.66 17.14
C GLN B 266 12.14 -1.65 18.68
N PHE B 267 12.95 -0.79 19.31
CA PHE B 267 13.06 -0.82 20.77
C PHE B 267 12.58 0.44 21.50
N ARG B 268 11.89 1.31 20.77
CA ARG B 268 11.41 2.60 21.27
C ARG B 268 10.21 2.47 22.22
N THR B 269 9.40 1.43 22.05
CA THR B 269 8.16 1.25 22.81
C THR B 269 8.05 -0.12 23.46
N ASP B 270 7.82 -0.16 24.77
CA ASP B 270 7.70 -1.43 25.52
C ASP B 270 6.30 -2.07 25.44
N VAL B 271 6.24 -3.36 25.81
CA VAL B 271 4.98 -4.09 25.94
C VAL B 271 4.39 -3.90 27.34
N PRO B 272 3.10 -3.54 27.43
CA PRO B 272 2.44 -3.22 28.70
C PRO B 272 2.12 -4.43 29.59
N ALA B 273 1.78 -4.17 30.86
CA ALA B 273 1.42 -5.20 31.83
C ALA B 273 0.05 -5.82 31.52
N GLY B 274 -0.21 -7.02 32.03
CA GLY B 274 -1.48 -7.71 31.80
C GLY B 274 -1.52 -9.16 32.23
N ASP B 275 -2.72 -9.74 32.26
CA ASP B 275 -2.90 -11.14 32.62
C ASP B 275 -3.03 -12.05 31.40
N ASP B 276 -3.47 -11.47 30.29
CA ASP B 276 -3.66 -12.19 29.03
C ASP B 276 -2.49 -11.90 28.10
N ALA B 277 -1.71 -12.93 27.80
CA ALA B 277 -0.49 -12.79 27.01
C ALA B 277 -0.68 -12.08 25.66
N LEU B 278 -1.54 -12.62 24.81
CA LEU B 278 -1.74 -12.03 23.48
C LEU B 278 -2.36 -10.63 23.55
N GLU B 279 -3.13 -10.36 24.60
CA GLU B 279 -3.68 -9.02 24.79
C GLU B 279 -2.57 -8.01 25.01
N ARG B 280 -1.54 -8.39 25.76
CA ARG B 280 -0.41 -7.50 26.02
C ARG B 280 0.30 -7.10 24.73
N LEU B 281 0.58 -8.09 23.88
CA LEU B 281 1.21 -7.82 22.58
C LEU B 281 0.35 -6.87 21.73
N ALA B 282 -0.94 -7.16 21.61
CA ALA B 282 -1.81 -6.34 20.76
C ALA B 282 -1.86 -4.88 21.21
N ARG B 283 -1.87 -4.65 22.51
CA ARG B 283 -1.88 -3.28 23.04
C ARG B 283 -0.54 -2.57 22.83
N GLN B 284 0.51 -3.30 22.48
CA GLN B 284 1.76 -2.65 22.11
C GLN B 284 1.59 -1.89 20.80
N TRP B 285 0.93 -2.52 19.83
CA TRP B 285 0.68 -1.90 18.52
C TRP B 285 -0.18 -0.64 18.68
N SER B 286 -1.09 -0.65 19.66
CA SER B 286 -1.88 0.53 19.98
C SER B 286 -0.98 1.70 20.40
N ASN B 287 0.16 1.37 20.98
CA ASN B 287 1.01 2.36 21.65
C ASN B 287 2.13 2.98 20.79
N ILE B 288 2.51 2.29 19.72
CA ILE B 288 3.55 2.77 18.81
C ILE B 288 3.25 4.18 18.31
N GLU B 289 4.28 5.01 18.15
CA GLU B 289 4.08 6.35 17.56
C GLU B 289 5.27 6.79 16.69
N GLY B 290 5.01 7.60 15.69
CA GLY B 290 6.08 8.27 14.94
C GLY B 290 6.66 7.48 13.78
N CYS B 291 5.88 6.56 13.22
CA CYS B 291 6.32 5.68 12.13
C CYS B 291 5.42 5.80 10.90
N SER B 292 6.01 5.71 9.71
CA SER B 292 5.26 5.85 8.47
C SER B 292 4.24 4.74 8.22
N LEU B 293 4.42 3.60 8.89
CA LEU B 293 3.52 2.45 8.68
C LEU B 293 2.43 2.31 9.75
N ALA B 294 2.45 3.20 10.73
CA ALA B 294 1.47 3.20 11.81
C ALA B 294 0.48 4.38 11.72
N TYR B 295 -0.78 4.07 11.46
CA TYR B 295 -1.84 5.07 11.19
C TYR B 295 -1.87 6.23 12.20
N ASP B 296 -1.82 7.47 11.67
CA ASP B 296 -1.88 8.68 12.50
C ASP B 296 -2.23 9.94 11.70
N PRO B 297 -3.50 10.35 11.71
CA PRO B 297 -3.94 11.57 11.00
C PRO B 297 -3.26 12.87 11.51
N LYS B 298 -2.62 12.84 12.67
CA LYS B 298 -1.96 14.02 13.22
C LYS B 298 -0.47 14.12 12.81
N LYS B 299 0.06 13.00 12.31
CA LYS B 299 1.48 12.89 11.95
C LYS B 299 2.44 13.49 12.98
N LYS B 300 2.54 12.82 14.14
CA LYS B 300 3.41 13.28 15.22
C LYS B 300 4.92 13.07 14.94
N ARG B 301 5.24 12.37 13.86
CA ARG B 301 6.63 12.04 13.51
C ARG B 301 7.57 13.25 13.55
N GLY B 302 7.16 14.35 12.94
CA GLY B 302 7.98 15.55 12.90
C GLY B 302 8.33 16.06 14.29
N SER B 303 7.31 16.18 15.14
CA SER B 303 7.48 16.68 16.49
C SER B 303 8.43 15.83 17.34
N LEU B 304 8.28 14.51 17.24
CA LEU B 304 9.14 13.59 17.99
C LEU B 304 10.61 13.76 17.62
N ILE B 305 10.86 14.00 16.33
CA ILE B 305 12.22 14.18 15.85
C ILE B 305 12.84 15.51 16.32
N VAL B 306 12.01 16.55 16.40
CA VAL B 306 12.48 17.86 16.87
C VAL B 306 12.87 17.82 18.36
N ASP B 307 12.01 17.19 19.16
CA ASP B 307 12.27 17.04 20.60
C ASP B 307 13.63 16.39 20.87
N GLU B 308 13.95 15.35 20.11
CA GLU B 308 15.19 14.58 20.30
C GLU B 308 16.42 15.32 19.79
N VAL B 309 16.27 16.09 18.72
CA VAL B 309 17.37 16.91 18.23
C VAL B 309 17.75 17.96 19.27
N LYS B 310 16.75 18.53 19.94
CA LYS B 310 17.02 19.54 20.96
C LYS B 310 17.75 18.93 22.15
N LYS B 311 17.27 17.78 22.61
CA LYS B 311 17.89 17.09 23.75
C LYS B 311 19.40 16.88 23.60
N LYS B 312 19.84 16.54 22.39
CA LYS B 312 21.24 16.16 22.17
C LYS B 312 22.06 17.19 21.37
N ASP B 313 21.52 18.39 21.17
CA ASP B 313 22.22 19.44 20.44
C ASP B 313 22.74 18.91 19.09
N ILE B 314 21.85 18.33 18.31
CA ILE B 314 22.23 17.75 17.02
C ILE B 314 22.30 18.81 15.92
N ASP B 315 23.27 18.65 15.01
CA ASP B 315 23.54 19.65 13.98
C ASP B 315 22.68 19.53 12.71
N GLY B 316 22.14 18.34 12.44
CA GLY B 316 21.32 18.14 11.26
C GLY B 316 20.57 16.82 11.16
N VAL B 317 19.61 16.75 10.24
CA VAL B 317 18.83 15.53 9.98
C VAL B 317 18.99 15.04 8.53
N ILE B 318 19.28 13.75 8.35
CA ILE B 318 19.43 13.17 7.01
C ILE B 318 18.32 12.16 6.70
N PHE B 319 17.52 12.44 5.65
CA PHE B 319 16.48 11.51 5.20
C PHE B 319 17.12 10.41 4.33
N CYS B 320 17.13 9.18 4.84
CA CYS B 320 17.68 8.05 4.09
C CYS B 320 16.53 7.37 3.33
N MET B 321 16.30 7.81 2.10
CA MET B 321 15.07 7.50 1.36
C MET B 321 15.16 6.24 0.49
N MET B 322 14.56 5.15 0.95
CA MET B 322 14.49 3.90 0.19
C MET B 322 13.85 4.10 -1.19
N LYS B 323 14.56 3.68 -2.24
CA LYS B 323 14.08 3.84 -3.61
C LYS B 323 12.72 3.18 -3.87
N PHE B 324 11.78 3.99 -4.34
CA PHE B 324 10.41 3.54 -4.66
C PHE B 324 9.59 3.06 -3.46
N CYS B 325 9.84 3.63 -2.29
CA CYS B 325 9.02 3.37 -1.11
C CYS B 325 7.89 4.40 -1.01
N ASP B 326 6.64 3.98 -1.27
CA ASP B 326 5.57 4.97 -1.30
C ASP B 326 5.15 5.54 0.07
N PRO B 327 5.11 4.71 1.13
CA PRO B 327 4.74 5.30 2.42
C PRO B 327 5.74 6.38 2.86
N GLU B 328 7.03 6.13 2.72
CA GLU B 328 8.04 7.13 3.09
C GLU B 328 7.96 8.36 2.18
N GLU B 329 7.65 8.15 0.89
CA GLU B 329 7.49 9.25 -0.07
C GLU B 329 6.31 10.18 0.27
N TYR B 330 5.18 9.58 0.66
CA TYR B 330 4.01 10.35 1.10
C TYR B 330 4.33 11.23 2.32
N ASP B 331 5.13 10.72 3.25
CA ASP B 331 5.44 11.43 4.49
C ASP B 331 6.37 12.65 4.31
N TYR B 332 7.26 12.56 3.33
CA TYR B 332 8.45 13.44 3.25
C TYR B 332 8.19 14.97 3.33
N PRO B 333 7.25 15.49 2.52
CA PRO B 333 7.01 16.95 2.54
C PRO B 333 6.56 17.52 3.89
N LEU B 334 5.57 16.92 4.53
CA LEU B 334 5.06 17.45 5.81
C LEU B 334 6.07 17.31 6.95
N VAL B 335 6.78 16.19 6.99
CA VAL B 335 7.78 15.96 8.03
C VAL B 335 8.97 16.92 7.89
N ARG B 336 9.50 17.04 6.67
CA ARG B 336 10.60 17.99 6.41
C ARG B 336 10.25 19.41 6.85
N LYS B 337 8.99 19.82 6.63
CA LYS B 337 8.59 21.18 6.98
C LYS B 337 8.61 21.44 8.49
N ASP B 338 8.12 20.50 9.28
CA ASP B 338 8.13 20.65 10.74
C ASP B 338 9.56 20.77 11.30
N ILE B 339 10.50 20.06 10.69
CA ILE B 339 11.89 20.08 11.11
C ILE B 339 12.60 21.39 10.74
N GLU B 340 12.43 21.82 9.49
CA GLU B 340 13.09 23.04 9.02
C GLU B 340 12.47 24.31 9.63
N ASP B 341 11.16 24.27 9.89
CA ASP B 341 10.48 25.40 10.52
C ASP B 341 11.01 25.66 11.93
N SER B 342 11.49 24.61 12.59
CA SER B 342 12.11 24.73 13.92
C SER B 342 13.54 25.26 13.84
N GLY B 343 14.07 25.34 12.62
CA GLY B 343 15.42 25.86 12.40
C GLY B 343 16.51 24.83 12.11
N ILE B 344 16.13 23.56 11.97
CA ILE B 344 17.08 22.45 11.77
C ILE B 344 17.25 22.08 10.30
N PRO B 345 18.49 22.08 9.78
CA PRO B 345 18.76 21.81 8.36
C PRO B 345 18.59 20.33 7.99
N THR B 346 18.24 20.04 6.73
CA THR B 346 18.02 18.66 6.31
C THR B 346 18.67 18.34 4.96
N LEU B 347 18.89 17.05 4.70
CA LEU B 347 19.51 16.56 3.46
C LEU B 347 18.76 15.33 2.92
N TYR B 348 18.72 15.20 1.60
CA TYR B 348 18.06 14.06 0.95
C TYR B 348 19.11 13.12 0.37
N VAL B 349 19.02 11.83 0.70
CA VAL B 349 19.94 10.82 0.16
C VAL B 349 19.19 9.56 -0.26
N GLU B 350 19.33 9.15 -1.53
CA GLU B 350 18.69 7.94 -2.03
C GLU B 350 19.41 6.65 -1.61
N ILE B 351 18.65 5.69 -1.07
CA ILE B 351 19.18 4.37 -0.69
C ILE B 351 18.74 3.29 -1.69
N ASP B 352 19.70 2.64 -2.34
CA ASP B 352 19.43 1.68 -3.42
C ASP B 352 20.32 0.44 -3.31
N GLN B 353 19.73 -0.73 -3.05
CA GLN B 353 20.51 -1.94 -2.84
C GLN B 353 21.08 -2.54 -4.14
N GLN B 354 20.65 -1.99 -5.28
CA GLN B 354 21.19 -2.39 -6.58
C GLN B 354 22.12 -1.33 -7.18
N THR B 355 22.48 -0.32 -6.37
CA THR B 355 23.19 0.88 -6.82
C THR B 355 23.98 0.76 -8.13
N GLN B 356 25.31 0.74 -7.99
CA GLN B 356 26.28 0.73 -9.11
C GLN B 356 27.24 1.93 -9.02
N ASN B 357 26.70 3.12 -8.85
CA ASN B 357 27.50 4.34 -8.73
C ASN B 357 27.10 5.13 -7.50
N ASN B 358 28.05 5.84 -6.89
CA ASN B 358 27.74 6.62 -5.69
C ASN B 358 28.46 7.96 -5.58
N GLU B 359 28.76 8.57 -6.72
CA GLU B 359 29.46 9.85 -6.73
C GLU B 359 28.53 11.01 -6.38
N GLN B 360 27.24 10.81 -6.63
CA GLN B 360 26.24 11.83 -6.33
C GLN B 360 26.10 12.03 -4.82
N ALA B 361 25.86 10.94 -4.10
CA ALA B 361 25.76 10.99 -2.65
C ALA B 361 27.02 11.58 -2.04
N ARG B 362 28.17 11.31 -2.66
CA ARG B 362 29.46 11.76 -2.15
C ARG B 362 29.56 13.29 -2.11
N THR B 363 29.34 13.93 -3.26
CA THR B 363 29.41 15.39 -3.35
C THR B 363 28.38 16.08 -2.45
N ARG B 364 27.15 15.55 -2.45
CA ARG B 364 26.07 16.13 -1.65
C ARG B 364 26.39 16.15 -0.17
N ILE B 365 26.91 15.03 0.33
CA ILE B 365 27.18 14.89 1.76
C ILE B 365 28.34 15.77 2.21
N GLN B 366 29.30 16.01 1.31
CA GLN B 366 30.42 16.90 1.60
C GLN B 366 29.96 18.35 1.79
N THR B 367 29.03 18.78 0.96
CA THR B 367 28.48 20.14 1.04
C THR B 367 27.70 20.34 2.34
N PHE B 368 26.90 19.34 2.72
CA PHE B 368 26.12 19.37 3.95
C PHE B 368 27.03 19.53 5.16
N ALA B 369 28.08 18.72 5.21
CA ALA B 369 29.03 18.73 6.33
C ALA B 369 29.76 20.06 6.47
N GLU B 370 30.18 20.64 5.36
CA GLU B 370 30.85 21.93 5.38
C GLU B 370 29.89 23.02 5.88
N MET B 371 28.66 22.97 5.40
CA MET B 371 27.64 23.95 5.75
C MET B 371 27.31 23.91 7.25
N MET B 372 27.19 22.71 7.80
CA MET B 372 26.95 22.54 9.24
C MET B 372 28.09 23.17 10.05
N SER B 373 29.27 23.23 9.45
CA SER B 373 30.46 23.74 10.13
C SER B 373 30.40 25.25 10.33
N LEU B 374 30.26 25.98 9.23
CA LEU B 374 30.20 27.43 9.28
C LEU B 374 29.02 27.93 10.12
N ALA B 375 28.03 27.06 10.33
CA ALA B 375 26.89 27.40 11.16
C ALA B 375 27.22 27.26 12.64
#